data_7D8C
#
_entry.id   7D8C
#
_cell.length_a   211.933
_cell.length_b   211.933
_cell.length_c   164.758
_cell.angle_alpha   90.000
_cell.angle_beta   90.000
_cell.angle_gamma   120.000
#
_symmetry.space_group_name_H-M   'P 63 2 2'
#
loop_
_entity.id
_entity.type
_entity.pdbx_description
1 polymer 12i1
2 polymer 'RNA (38-MER)'
3 polymer 'RNA (3-MER)'
4 non-polymer 'CITRIC ACID'
#
loop_
_entity_poly.entity_id
_entity_poly.type
_entity_poly.pdbx_seq_one_letter_code
_entity_poly.pdbx_strand_id
1 'polypeptide(L)'
;(MSE)SNKEKNASETRKAYTTK(MSE)IPRSHDR(MSE)KLLGNF(MSE)DYL(MSE)DGTPIFFELWNQFGGGIDRDII
SGTANKDKISDDLLLAVNWFKV(MSE)PINSKPQGVSPSNLANLFQQYSGSEPDIQAQEYFASNFDTEKHQWKD(MSE)R
VEYERLLAELQLSRSD(MSE)HHDLKL(MSE)YKEKCIGLSLSTAHYITSV(MSE)FGTGAKNNRQTKHQFYSKVIQLLE
ESTQINSVEQLASIILKAGDCDSYRKLRIRCSRKGATPSILKIVQDYELGTNHDDEVNVPSLIANLKEKLGRFEYECEWK
C(MSE)EKIKAFLASKVGPYYLGSYSA(MSE)LENALSPIKG(MSE)TTKNCKFVLKQIDAKNDIKYENEPFGKIVEGFF
DSPYFESDTNVKWVLHPHHIGESNIKTLWEDLNAIHSKYEEDIASLSEDKKEKRIKVYQGDVCQTINTYCEEVGKEAKTP
LVQLLRYLYSRKDDIAVDKIIDGITFLSKKHKVEKQKINPVIQKYPSFNFGNNSKLLGKIISPKDKLKHNLKCNRNQVDN
YIWIEIKVLNTKT(MSE)RWEKHHYALSSTRFLEEVYYPATSENPPDALAARFRTKTNGYEGKPALSAEQIEQIRSAPVG
LRKVKKRQ(MSE)RLEAARQQNLLPRYTWGKDFNINICKRGNNFEVTLATKVKKKKEKNYKVVLGYDANIVRKNTYAAIE
AHANGDGVIDYNDLPVKPIESGFVTVESQVRDKSYDQLSYNGVKLLYCKPHVESRRSFLEKYRNGT(MSE)KDNRGNNIQ
IDF(MSE)KDFEAIADDETSLYYFN(MSE)KYCKLLQSSIRNHSSQAKEYREEIFELLRDGKLSVLKLSSLSNLSFV
(MSE)FKVAKSLIGTYFGHLLKKPKNSKSDVKAPPITDEDKQKADPE(MSE)FALRLALEEKRLNKVKSKKEVIANKIVA
KALELRDKYGPVLIKGENISDTTKKGKKSSTNSFL(MSE)DWLARGVANKVKE(MSE)V(MSE)(MSE)HQGLEFVEVNP
NFTSHQDPFVHKNPENTFRARYSRCTPSELTEKNRKEILSFLSDKPSKRPTNAYYNEGA(MSE)AFLATYGLKKNDVLGV
SLEKFKQI(MSE)ANILHQRSEDQLLFPSRGG(MSE)FYLATYKLDADATSVNWNGKQFWVCNADLVAAYNVGLVDIQKD
FKKKLEHHHHHH
;
A
2 'polyribonucleotide' AUUUUUGUGCCCAUCGUUGGCACUAUUAAGGAAUGGAAUAUAGC B
3 'polyribonucleotide' AAU C
#
# COMPACT_ATOMS: atom_id res chain seq x y z
N ASN A 7 -22.13 9.65 -2.50
CA ASN A 7 -22.89 10.87 -2.12
C ASN A 7 -22.49 11.30 -0.70
N ALA A 8 -21.90 10.37 0.07
CA ALA A 8 -21.47 10.65 1.45
C ALA A 8 -20.31 9.73 1.83
N SER A 9 -19.33 10.25 2.56
CA SER A 9 -18.14 9.45 2.98
C SER A 9 -18.47 8.66 4.25
N GLU A 10 -18.19 7.36 4.25
CA GLU A 10 -18.46 6.49 5.42
C GLU A 10 -17.19 5.72 5.78
N THR A 11 -16.41 6.24 6.75
CA THR A 11 -15.15 5.58 7.17
C THR A 11 -15.12 5.49 8.70
N ARG A 12 -14.91 4.29 9.24
CA ARG A 12 -14.86 4.08 10.72
C ARG A 12 -13.42 3.84 11.15
N LYS A 13 -13.02 4.38 12.31
CA LYS A 13 -11.65 4.21 12.85
C LYS A 13 -11.64 3.07 13.87
N ALA A 14 -10.62 2.20 13.81
CA ALA A 14 -10.52 1.06 14.74
C ALA A 14 -9.76 1.48 16.00
N TYR A 15 -10.05 0.84 17.14
CA TYR A 15 -9.39 1.17 18.43
C TYR A 15 -8.97 -0.13 19.12
N THR A 16 -7.67 -0.45 19.04
CA THR A 16 -7.13 -1.68 19.68
C THR A 16 -7.07 -1.49 21.20
N THR A 17 -7.34 -2.55 21.97
CA THR A 17 -7.32 -2.46 23.45
C THR A 17 -6.77 -3.77 24.05
N LYS A 18 -6.38 -3.73 25.33
CA LYS A 18 -5.83 -4.92 26.04
C LYS A 18 -6.95 -5.55 26.85
N ILE A 20 -8.78 -6.97 29.54
CA ILE A 20 -8.41 -6.92 30.99
C ILE A 20 -8.92 -8.20 31.67
N PRO A 21 -8.05 -9.16 32.03
CA PRO A 21 -8.48 -10.40 32.68
C PRO A 21 -9.32 -10.12 33.94
N ARG A 22 -10.40 -10.91 34.12
CA ARG A 22 -11.28 -10.79 35.30
C ARG A 22 -11.29 -12.13 36.04
N SER A 23 -12.33 -12.41 36.82
CA SER A 23 -12.44 -13.68 37.57
C SER A 23 -12.15 -14.86 36.61
N HIS A 24 -11.28 -15.78 37.03
CA HIS A 24 -10.90 -16.94 36.19
C HIS A 24 -12.17 -17.63 35.67
N ASP A 25 -13.11 -17.93 36.56
CA ASP A 25 -14.37 -18.60 36.11
C ASP A 25 -15.09 -17.68 35.14
N ARG A 26 -15.35 -16.44 35.56
CA ARG A 26 -16.05 -15.43 34.71
C ARG A 26 -15.43 -15.41 33.30
N LYS A 28 -13.58 -17.60 31.82
CA LYS A 28 -13.82 -18.92 31.16
C LYS A 28 -15.20 -18.98 30.51
N LEU A 29 -16.25 -18.49 31.20
CA LEU A 29 -17.61 -18.45 30.63
C LEU A 29 -17.53 -17.84 29.23
N LEU A 30 -16.97 -16.62 29.14
CA LEU A 30 -16.82 -15.96 27.83
C LEU A 30 -16.03 -16.87 26.91
N GLY A 31 -14.89 -17.37 27.41
CA GLY A 31 -13.98 -18.26 26.65
C GLY A 31 -14.76 -19.33 25.92
N ASN A 32 -15.57 -20.09 26.65
CA ASN A 32 -16.39 -21.14 26.02
C ASN A 32 -17.32 -20.44 25.03
N PHE A 33 -18.18 -19.55 25.52
CA PHE A 33 -19.10 -18.87 24.59
C PHE A 33 -18.36 -18.57 23.28
N ASP A 35 -15.61 -19.94 22.27
CA ASP A 35 -15.25 -21.27 21.73
C ASP A 35 -16.43 -21.87 20.95
N TYR A 36 -17.59 -22.01 21.58
CA TYR A 36 -18.78 -22.62 20.93
C TYR A 36 -19.05 -21.95 19.58
N LEU A 37 -19.09 -20.62 19.58
CA LEU A 37 -19.37 -19.83 18.35
C LEU A 37 -18.45 -20.30 17.23
N ASP A 39 -16.72 -23.09 16.64
CA ASP A 39 -17.13 -24.37 16.01
C ASP A 39 -18.49 -24.16 15.38
N GLY A 40 -19.22 -23.10 15.77
CA GLY A 40 -20.55 -22.96 15.14
C GLY A 40 -20.56 -22.43 13.71
N THR A 41 -19.93 -21.30 13.44
CA THR A 41 -20.02 -20.65 12.09
C THR A 41 -19.31 -21.48 11.00
N PRO A 42 -18.41 -22.41 11.33
CA PRO A 42 -17.66 -23.14 10.30
C PRO A 42 -18.61 -23.97 9.44
N ILE A 43 -19.59 -24.61 10.07
CA ILE A 43 -20.53 -25.48 9.33
C ILE A 43 -21.30 -24.62 8.34
N PHE A 44 -21.64 -23.39 8.74
CA PHE A 44 -22.42 -22.52 7.82
C PHE A 44 -21.60 -22.31 6.55
N PHE A 45 -20.31 -22.02 6.75
CA PHE A 45 -19.37 -21.78 5.62
C PHE A 45 -19.32 -23.01 4.71
N GLU A 46 -19.23 -24.21 5.31
CA GLU A 46 -19.16 -25.46 4.50
C GLU A 46 -20.50 -25.67 3.77
N LEU A 47 -21.61 -25.39 4.45
CA LEU A 47 -22.97 -25.55 3.88
C LEU A 47 -23.31 -24.45 2.87
N TRP A 48 -23.09 -23.19 3.24
CA TRP A 48 -23.47 -22.10 2.32
C TRP A 48 -22.68 -22.30 1.03
N ASN A 49 -21.51 -22.92 1.17
CA ASN A 49 -20.70 -23.28 0.00
C ASN A 49 -21.66 -24.06 -0.90
N GLN A 50 -22.19 -25.15 -0.35
CA GLN A 50 -23.09 -26.05 -1.10
C GLN A 50 -24.24 -25.23 -1.67
N PHE A 51 -24.78 -24.32 -0.85
CA PHE A 51 -25.90 -23.44 -1.25
C PHE A 51 -25.52 -22.72 -2.55
N GLY A 52 -24.24 -22.37 -2.70
CA GLY A 52 -23.78 -21.69 -3.92
C GLY A 52 -23.38 -22.68 -5.00
N GLY A 53 -23.38 -23.97 -4.66
CA GLY A 53 -22.95 -25.01 -5.63
C GLY A 53 -24.10 -25.53 -6.47
N GLY A 54 -25.30 -24.99 -6.29
CA GLY A 54 -26.48 -25.44 -7.05
C GLY A 54 -27.08 -24.38 -7.96
N ILE A 55 -26.30 -23.36 -8.31
CA ILE A 55 -26.84 -22.18 -9.06
C ILE A 55 -27.42 -22.63 -10.40
N ASP A 56 -28.48 -22.00 -10.88
CA ASP A 56 -29.00 -22.50 -12.17
C ASP A 56 -28.96 -21.36 -13.19
N ARG A 57 -28.78 -21.70 -14.47
CA ARG A 57 -28.72 -20.68 -15.54
C ARG A 57 -30.04 -19.91 -15.51
N ASP A 58 -31.13 -20.64 -15.27
CA ASP A 58 -32.50 -20.08 -15.16
C ASP A 58 -32.58 -19.29 -13.86
N ILE A 59 -31.90 -19.75 -12.81
CA ILE A 59 -31.91 -19.05 -11.50
C ILE A 59 -31.35 -17.63 -11.66
N ILE A 60 -30.33 -17.48 -12.51
CA ILE A 60 -29.68 -16.16 -12.77
C ILE A 60 -30.43 -15.43 -13.88
N SER A 61 -31.49 -16.05 -14.40
CA SER A 61 -32.20 -15.46 -15.56
C SER A 61 -32.87 -14.14 -15.19
N GLY A 62 -32.51 -13.09 -15.94
CA GLY A 62 -33.05 -11.72 -15.78
C GLY A 62 -32.32 -10.99 -14.67
N THR A 63 -31.41 -11.68 -13.96
CA THR A 63 -30.70 -11.04 -12.83
C THR A 63 -29.84 -9.85 -13.30
N ALA A 64 -28.92 -10.09 -14.23
CA ALA A 64 -28.05 -9.03 -14.78
C ALA A 64 -27.32 -8.28 -13.65
N ASN A 65 -27.27 -6.96 -13.76
CA ASN A 65 -26.69 -6.09 -12.69
C ASN A 65 -25.31 -6.61 -12.32
N LYS A 66 -24.56 -7.03 -13.33
CA LYS A 66 -23.18 -7.53 -13.14
C LYS A 66 -22.25 -6.54 -13.84
N ASP A 67 -21.28 -5.98 -13.12
CA ASP A 67 -20.32 -5.00 -13.70
C ASP A 67 -19.56 -5.65 -14.86
N LYS A 68 -20.13 -5.62 -16.06
CA LYS A 68 -19.49 -6.24 -17.25
C LYS A 68 -18.93 -7.60 -16.81
N ILE A 69 -19.81 -8.53 -16.46
CA ILE A 69 -19.36 -9.87 -15.99
C ILE A 69 -20.08 -10.95 -16.79
N SER A 70 -19.34 -11.81 -17.49
CA SER A 70 -19.95 -12.90 -18.28
C SER A 70 -20.88 -13.71 -17.38
N ASP A 71 -22.15 -13.85 -17.78
CA ASP A 71 -23.13 -14.62 -16.97
C ASP A 71 -22.53 -16.01 -16.71
N ASP A 72 -22.12 -16.69 -17.78
CA ASP A 72 -21.53 -18.05 -17.66
C ASP A 72 -20.37 -18.01 -16.66
N LEU A 73 -19.47 -17.05 -16.85
CA LEU A 73 -18.29 -16.89 -15.97
C LEU A 73 -18.73 -16.86 -14.50
N LEU A 74 -19.73 -16.04 -14.17
CA LEU A 74 -20.21 -15.93 -12.78
C LEU A 74 -20.55 -17.31 -12.23
N LEU A 75 -21.31 -18.11 -12.99
CA LEU A 75 -21.71 -19.47 -12.53
C LEU A 75 -20.48 -20.26 -12.11
N ALA A 76 -19.45 -20.28 -12.96
CA ALA A 76 -18.20 -21.04 -12.73
C ALA A 76 -17.66 -20.88 -11.30
N VAL A 77 -17.62 -19.66 -10.79
CA VAL A 77 -17.09 -19.36 -9.43
C VAL A 77 -17.96 -19.94 -8.32
N ASN A 78 -19.23 -20.26 -8.56
CA ASN A 78 -20.06 -20.83 -7.47
C ASN A 78 -20.10 -22.35 -7.60
N TRP A 79 -20.13 -22.87 -8.82
CA TRP A 79 -20.19 -24.34 -9.01
C TRP A 79 -19.04 -24.99 -8.27
N PHE A 80 -17.85 -24.44 -8.44
CA PHE A 80 -16.66 -25.02 -7.78
C PHE A 80 -15.52 -24.00 -7.73
N LYS A 81 -14.72 -24.06 -6.67
CA LYS A 81 -13.57 -23.13 -6.50
C LYS A 81 -12.32 -23.96 -6.16
N VAL A 82 -11.32 -23.32 -5.56
CA VAL A 82 -10.07 -24.02 -5.17
C VAL A 82 -9.90 -23.96 -3.65
N PRO A 84 -8.11 -26.47 -0.13
CA PRO A 84 -6.90 -27.17 0.25
C PRO A 84 -7.04 -28.63 -0.21
N ILE A 85 -5.91 -29.31 -0.38
CA ILE A 85 -5.90 -30.72 -0.84
C ILE A 85 -6.82 -31.57 0.05
N ASN A 86 -6.71 -31.45 1.37
CA ASN A 86 -7.52 -32.29 2.28
C ASN A 86 -8.69 -31.48 2.85
N SER A 87 -9.78 -31.37 2.09
CA SER A 87 -10.97 -30.61 2.55
C SER A 87 -12.20 -31.52 2.48
N LYS A 88 -13.31 -31.08 3.08
CA LYS A 88 -14.56 -31.89 3.08
C LYS A 88 -14.90 -32.31 1.65
N PRO A 89 -15.14 -31.36 0.73
CA PRO A 89 -15.49 -31.66 -0.66
C PRO A 89 -14.43 -32.41 -1.47
N GLN A 90 -14.86 -33.04 -2.57
CA GLN A 90 -13.96 -33.83 -3.46
C GLN A 90 -13.18 -32.92 -4.42
N GLY A 91 -11.91 -33.24 -4.65
CA GLY A 91 -11.05 -32.45 -5.55
C GLY A 91 -11.50 -32.57 -7.00
N VAL A 92 -10.72 -32.03 -7.94
CA VAL A 92 -11.05 -32.09 -9.39
C VAL A 92 -9.76 -32.03 -10.21
N SER A 93 -9.87 -32.23 -11.53
CA SER A 93 -8.68 -32.21 -12.43
C SER A 93 -8.74 -30.96 -13.32
N PRO A 94 -7.57 -30.46 -13.76
CA PRO A 94 -7.47 -29.24 -14.56
C PRO A 94 -7.76 -29.53 -16.04
N SER A 95 -8.66 -30.47 -16.29
CA SER A 95 -9.04 -30.83 -17.68
C SER A 95 -10.56 -30.95 -17.74
N ASN A 96 -11.07 -31.99 -17.08
CA ASN A 96 -12.52 -32.29 -17.02
C ASN A 96 -13.23 -30.98 -16.65
N LEU A 97 -12.52 -30.17 -15.86
CA LEU A 97 -12.94 -28.84 -15.37
C LEU A 97 -13.68 -28.11 -16.50
N ALA A 98 -13.00 -27.89 -17.62
CA ALA A 98 -13.57 -27.18 -18.78
C ALA A 98 -14.84 -27.91 -19.27
N ASN A 99 -14.82 -29.24 -19.29
CA ASN A 99 -15.98 -30.03 -19.77
C ASN A 99 -17.09 -30.01 -18.72
N LEU A 100 -16.75 -29.86 -17.44
CA LEU A 100 -17.80 -29.89 -16.41
C LEU A 100 -18.78 -28.74 -16.66
N PHE A 101 -18.27 -27.52 -16.79
CA PHE A 101 -19.11 -26.32 -17.05
C PHE A 101 -19.99 -26.59 -18.26
N GLN A 102 -19.35 -27.06 -19.35
CA GLN A 102 -20.09 -27.43 -20.59
C GLN A 102 -21.13 -28.48 -20.24
N GLN A 103 -20.73 -29.50 -19.47
CA GLN A 103 -21.69 -30.56 -19.05
C GLN A 103 -22.82 -29.96 -18.20
N TYR A 104 -22.50 -29.03 -17.31
CA TYR A 104 -23.52 -28.46 -16.40
C TYR A 104 -24.38 -27.40 -17.08
N SER A 105 -23.80 -26.57 -17.96
CA SER A 105 -24.60 -25.47 -18.55
C SER A 105 -24.94 -25.70 -20.02
N GLY A 106 -24.53 -26.82 -20.61
CA GLY A 106 -24.85 -27.04 -22.03
C GLY A 106 -24.27 -25.94 -22.90
N SER A 107 -23.03 -25.54 -22.63
CA SER A 107 -22.35 -24.46 -23.39
C SER A 107 -20.85 -24.50 -23.13
N GLU A 108 -20.03 -24.52 -24.20
CA GLU A 108 -18.57 -24.51 -24.01
C GLU A 108 -18.21 -23.26 -23.21
N PRO A 109 -17.44 -23.39 -22.10
CA PRO A 109 -17.02 -22.26 -21.27
C PRO A 109 -16.64 -20.98 -22.03
N ASP A 110 -17.19 -19.84 -21.59
CA ASP A 110 -16.92 -18.53 -22.24
C ASP A 110 -15.39 -18.27 -22.23
N ILE A 111 -14.98 -17.10 -22.69
CA ILE A 111 -13.52 -16.73 -22.72
C ILE A 111 -13.14 -16.09 -21.39
N GLN A 112 -14.14 -15.71 -20.59
CA GLN A 112 -13.89 -15.08 -19.26
C GLN A 112 -13.74 -16.17 -18.20
N ALA A 113 -14.52 -17.25 -18.31
CA ALA A 113 -14.46 -18.38 -17.35
C ALA A 113 -13.32 -19.32 -17.73
N GLN A 114 -12.86 -19.26 -18.98
CA GLN A 114 -11.75 -20.12 -19.46
C GLN A 114 -10.45 -19.71 -18.75
N GLU A 115 -10.25 -18.41 -18.53
CA GLU A 115 -9.04 -17.90 -17.85
C GLU A 115 -9.01 -18.40 -16.41
N TYR A 116 -10.15 -18.32 -15.71
CA TYR A 116 -10.24 -18.77 -14.30
C TYR A 116 -9.60 -20.15 -14.16
N PHE A 117 -10.04 -21.11 -14.98
CA PHE A 117 -9.49 -22.49 -14.94
C PHE A 117 -7.98 -22.46 -15.26
N ALA A 118 -7.57 -21.62 -16.22
CA ALA A 118 -6.15 -21.51 -16.63
C ALA A 118 -5.29 -20.96 -15.49
N SER A 119 -5.82 -19.99 -14.72
CA SER A 119 -5.11 -19.32 -13.60
C SER A 119 -4.34 -20.32 -12.72
N ASN A 120 -3.11 -19.99 -12.36
CA ASN A 120 -2.22 -20.87 -11.55
C ASN A 120 -2.64 -20.90 -10.08
N PHE A 121 -2.10 -21.87 -9.31
CA PHE A 121 -2.43 -22.02 -7.87
C PHE A 121 -1.49 -23.04 -7.23
N ASP A 122 -1.48 -23.12 -5.89
CA ASP A 122 -0.57 -24.06 -5.18
C ASP A 122 -0.86 -25.50 -5.58
N THR A 123 -0.10 -26.04 -6.51
CA THR A 123 -0.28 -27.45 -6.85
C THR A 123 0.18 -28.23 -5.62
N GLU A 124 1.04 -27.60 -4.83
CA GLU A 124 1.64 -28.25 -3.63
C GLU A 124 0.58 -28.40 -2.55
N LYS A 125 -0.21 -27.36 -2.27
CA LYS A 125 -1.21 -27.52 -1.18
C LYS A 125 -2.64 -27.26 -1.64
N HIS A 126 -2.91 -27.10 -2.94
CA HIS A 126 -4.32 -26.79 -3.31
C HIS A 126 -4.82 -27.53 -4.54
N GLN A 127 -6.14 -27.65 -4.65
CA GLN A 127 -6.85 -28.29 -5.79
C GLN A 127 -8.26 -27.72 -5.87
N TRP A 128 -8.85 -27.71 -7.08
CA TRP A 128 -10.23 -27.20 -7.29
C TRP A 128 -11.22 -28.25 -6.76
N LYS A 129 -12.32 -27.80 -6.17
CA LYS A 129 -13.31 -28.76 -5.60
C LYS A 129 -14.70 -28.46 -6.18
N ASP A 130 -15.38 -29.49 -6.68
CA ASP A 130 -16.73 -29.33 -7.28
C ASP A 130 -17.74 -29.06 -6.15
N ARG A 132 -20.89 -28.25 -6.83
CA ARG A 132 -22.18 -28.79 -7.34
C ARG A 132 -22.35 -30.23 -6.84
N VAL A 133 -21.26 -30.98 -6.73
CA VAL A 133 -21.30 -32.40 -6.25
C VAL A 133 -21.75 -32.39 -4.78
N GLU A 134 -21.13 -31.53 -3.98
CA GLU A 134 -21.47 -31.42 -2.53
C GLU A 134 -22.95 -31.04 -2.42
N TYR A 135 -23.45 -30.31 -3.42
CA TYR A 135 -24.88 -29.88 -3.45
C TYR A 135 -25.73 -31.13 -3.65
N GLU A 136 -25.37 -31.93 -4.64
CA GLU A 136 -26.16 -33.17 -4.86
C GLU A 136 -26.03 -33.96 -3.57
N ARG A 137 -24.82 -33.97 -3.02
CA ARG A 137 -24.53 -34.67 -1.75
C ARG A 137 -25.37 -33.98 -0.68
N LEU A 138 -25.56 -32.68 -0.83
CA LEU A 138 -26.34 -31.92 0.19
C LEU A 138 -27.77 -32.46 0.24
N LEU A 139 -28.39 -32.69 -0.92
CA LEU A 139 -29.77 -33.23 -0.99
C LEU A 139 -29.76 -34.72 -0.66
N ALA A 140 -28.57 -35.28 -0.46
CA ALA A 140 -28.42 -36.73 -0.12
C ALA A 140 -28.92 -36.97 1.30
N GLU A 141 -28.25 -36.38 2.30
CA GLU A 141 -28.65 -36.55 3.73
C GLU A 141 -30.01 -35.89 3.94
N LEU A 142 -30.14 -34.61 3.61
CA LEU A 142 -31.42 -33.86 3.77
C LEU A 142 -32.50 -34.55 2.93
N GLN A 143 -32.11 -35.17 1.82
CA GLN A 143 -33.05 -35.87 0.92
C GLN A 143 -34.17 -34.90 0.54
N LEU A 144 -33.85 -33.60 0.42
CA LEU A 144 -34.95 -32.67 0.07
C LEU A 144 -35.33 -32.80 -1.41
N SER A 145 -36.53 -32.40 -1.78
CA SER A 145 -36.96 -32.52 -3.20
C SER A 145 -36.10 -31.59 -4.05
N ARG A 146 -35.59 -32.10 -5.17
CA ARG A 146 -34.74 -31.29 -6.08
C ARG A 146 -35.46 -29.99 -6.41
N SER A 147 -36.65 -30.10 -7.02
CA SER A 147 -37.46 -28.91 -7.39
C SER A 147 -37.82 -28.13 -6.14
N ASP A 148 -38.10 -28.84 -5.04
CA ASP A 148 -38.39 -28.14 -3.76
C ASP A 148 -37.22 -27.19 -3.52
N HIS A 150 -34.65 -26.30 -5.27
CA HIS A 150 -34.46 -25.31 -6.35
C HIS A 150 -35.44 -24.15 -6.17
N HIS A 151 -36.72 -24.42 -5.92
CA HIS A 151 -37.67 -23.29 -5.70
C HIS A 151 -37.17 -22.45 -4.54
N ASP A 152 -36.94 -23.07 -3.37
CA ASP A 152 -36.45 -22.35 -2.18
C ASP A 152 -35.20 -21.57 -2.55
N LEU A 153 -34.20 -22.26 -3.11
CA LEU A 153 -32.93 -21.62 -3.53
C LEU A 153 -33.21 -20.42 -4.43
N LYS A 154 -33.91 -20.63 -5.55
CA LYS A 154 -34.24 -19.55 -6.52
C LYS A 154 -34.62 -18.27 -5.75
N LEU A 155 -35.38 -18.43 -4.66
CA LEU A 155 -35.80 -17.26 -3.84
C LEU A 155 -34.58 -16.60 -3.21
N TYR A 157 -31.64 -16.14 -4.20
CA TYR A 157 -30.94 -15.21 -5.14
C TYR A 157 -31.70 -13.88 -5.26
N LYS A 158 -33.03 -13.89 -5.05
CA LYS A 158 -33.85 -12.67 -5.18
C LYS A 158 -33.47 -11.71 -4.06
N GLU A 159 -33.13 -12.25 -2.88
CA GLU A 159 -32.79 -11.39 -1.73
C GLU A 159 -31.26 -11.27 -1.64
N LYS A 160 -30.58 -11.52 -2.76
CA LYS A 160 -29.12 -11.34 -2.82
C LYS A 160 -28.48 -12.14 -1.69
N CYS A 161 -29.04 -13.31 -1.39
CA CYS A 161 -28.45 -14.19 -0.34
C CYS A 161 -27.50 -15.19 -1.02
N ILE A 162 -27.25 -14.98 -2.30
CA ILE A 162 -26.35 -15.89 -3.08
C ILE A 162 -25.72 -15.12 -4.24
N GLY A 163 -24.67 -15.67 -4.85
CA GLY A 163 -24.01 -14.91 -5.94
C GLY A 163 -23.22 -13.73 -5.42
N LEU A 164 -23.62 -12.52 -5.78
CA LEU A 164 -22.83 -11.30 -5.43
C LEU A 164 -23.72 -10.27 -4.74
N SER A 165 -23.10 -9.27 -4.11
CA SER A 165 -23.85 -8.18 -3.43
C SER A 165 -24.83 -8.75 -2.40
N LEU A 166 -24.38 -9.75 -1.63
CA LEU A 166 -25.24 -10.38 -0.58
C LEU A 166 -25.74 -9.30 0.37
N SER A 167 -26.81 -9.60 1.12
CA SER A 167 -27.39 -8.62 2.08
C SER A 167 -26.73 -8.79 3.46
N THR A 168 -27.19 -8.02 4.45
CA THR A 168 -26.62 -8.10 5.83
C THR A 168 -26.87 -9.50 6.40
N ALA A 169 -25.89 -10.04 7.13
CA ALA A 169 -26.00 -11.39 7.73
C ALA A 169 -27.32 -11.50 8.51
N HIS A 170 -27.60 -10.53 9.39
CA HIS A 170 -28.84 -10.54 10.21
C HIS A 170 -30.06 -10.59 9.28
N TYR A 171 -30.06 -9.77 8.22
CA TYR A 171 -31.20 -9.74 7.25
C TYR A 171 -31.42 -11.14 6.68
N ILE A 172 -30.35 -11.80 6.23
CA ILE A 172 -30.44 -13.16 5.63
C ILE A 172 -30.92 -14.14 6.72
N THR A 173 -30.61 -13.85 7.99
CA THR A 173 -31.02 -14.72 9.12
C THR A 173 -32.44 -14.34 9.57
N SER A 174 -32.94 -13.21 9.09
CA SER A 174 -34.30 -12.73 9.45
C SER A 174 -35.30 -13.13 8.35
N VAL A 175 -34.81 -13.78 7.29
CA VAL A 175 -35.67 -14.22 6.15
C VAL A 175 -35.66 -15.75 6.09
N PHE A 177 -34.51 -17.82 8.90
CA PHE A 177 -34.98 -18.27 10.24
C PHE A 177 -35.49 -17.08 11.04
N GLY A 178 -36.05 -16.08 10.33
CA GLY A 178 -36.59 -14.87 10.98
C GLY A 178 -38.11 -14.85 10.95
N THR A 179 -38.70 -13.66 11.12
CA THR A 179 -40.18 -13.50 11.11
C THR A 179 -40.80 -14.50 12.12
N GLY A 180 -40.48 -14.34 13.40
CA GLY A 180 -41.00 -15.23 14.45
C GLY A 180 -42.47 -15.00 14.72
N ALA A 181 -43.34 -15.86 14.18
CA ALA A 181 -44.80 -15.74 14.38
C ALA A 181 -45.45 -17.12 14.19
N LYS A 182 -46.00 -17.70 15.25
CA LYS A 182 -46.66 -19.03 15.13
C LYS A 182 -47.73 -18.92 14.05
N ASN A 183 -48.60 -17.90 14.16
CA ASN A 183 -49.67 -17.66 13.16
C ASN A 183 -49.92 -16.15 13.09
N ASN A 184 -48.91 -15.41 12.63
CA ASN A 184 -49.00 -13.93 12.48
C ASN A 184 -48.29 -13.55 11.17
N ARG A 185 -49.00 -13.67 10.05
CA ARG A 185 -48.44 -13.32 8.71
C ARG A 185 -48.93 -11.93 8.34
N GLN A 186 -49.02 -11.64 7.04
CA GLN A 186 -49.46 -10.30 6.57
C GLN A 186 -50.81 -9.94 7.21
N THR A 187 -51.77 -10.87 7.21
CA THR A 187 -53.11 -10.62 7.81
C THR A 187 -53.64 -11.92 8.44
N LYS A 188 -52.87 -12.53 9.35
CA LYS A 188 -53.28 -13.81 9.99
C LYS A 188 -54.29 -13.55 11.11
N HIS A 189 -53.81 -12.97 12.23
CA HIS A 189 -54.65 -12.69 13.42
C HIS A 189 -55.29 -11.30 13.34
N GLN A 190 -55.06 -10.58 12.24
CA GLN A 190 -55.62 -9.22 12.09
C GLN A 190 -56.86 -9.24 11.19
N PHE A 191 -56.68 -9.63 9.92
CA PHE A 191 -57.79 -9.68 8.93
C PHE A 191 -58.73 -10.85 9.25
N TYR A 192 -58.16 -11.98 9.67
CA TYR A 192 -58.95 -13.19 10.01
C TYR A 192 -59.88 -12.88 11.20
N SER A 193 -59.37 -12.12 12.17
CA SER A 193 -60.16 -11.73 13.38
C SER A 193 -61.18 -10.67 13.00
N LYS A 194 -60.90 -9.88 11.95
CA LYS A 194 -61.82 -8.82 11.48
C LYS A 194 -63.10 -9.45 10.93
N VAL A 195 -62.98 -10.62 10.29
CA VAL A 195 -64.15 -11.33 9.71
C VAL A 195 -65.11 -11.69 10.85
N ILE A 196 -64.57 -12.15 11.98
CA ILE A 196 -65.40 -12.54 13.16
C ILE A 196 -65.76 -11.27 13.94
N GLN A 197 -65.01 -10.19 13.71
CA GLN A 197 -65.26 -8.89 14.42
C GLN A 197 -66.53 -8.25 13.84
N LEU A 198 -66.83 -8.52 12.57
CA LEU A 198 -68.03 -7.96 11.91
C LEU A 198 -69.27 -8.23 12.78
N LEU A 199 -69.36 -9.44 13.32
CA LEU A 199 -70.50 -9.82 14.20
C LEU A 199 -70.34 -9.14 15.57
N GLU A 200 -69.11 -9.07 16.07
CA GLU A 200 -68.84 -8.42 17.38
C GLU A 200 -69.46 -7.01 17.38
N GLU A 201 -69.16 -6.21 16.35
CA GLU A 201 -69.71 -4.84 16.21
C GLU A 201 -71.14 -4.94 15.66
N SER A 202 -71.44 -6.06 14.99
CA SER A 202 -72.78 -6.31 14.40
C SER A 202 -73.21 -5.14 13.51
N THR A 203 -72.27 -4.58 12.73
CA THR A 203 -72.61 -3.46 11.82
C THR A 203 -72.82 -4.06 10.43
N GLN A 204 -73.74 -3.50 9.64
CA GLN A 204 -73.94 -4.11 8.31
C GLN A 204 -72.60 -4.05 7.61
N ILE A 205 -72.10 -5.18 7.12
CA ILE A 205 -70.78 -5.16 6.42
C ILE A 205 -71.04 -4.80 4.95
N ASN A 206 -71.55 -3.59 4.72
CA ASN A 206 -71.82 -3.09 3.35
C ASN A 206 -71.15 -1.72 3.16
N SER A 207 -70.39 -1.59 2.08
CA SER A 207 -69.76 -0.30 1.71
C SER A 207 -68.97 0.26 2.88
N VAL A 208 -68.31 -0.61 3.64
CA VAL A 208 -67.50 -0.10 4.79
C VAL A 208 -66.44 0.81 4.17
N GLU A 209 -66.24 2.00 4.77
CA GLU A 209 -65.27 3.00 4.24
C GLU A 209 -63.84 2.45 4.28
N GLN A 210 -63.50 1.66 5.31
CA GLN A 210 -62.13 1.11 5.46
C GLN A 210 -61.82 0.17 4.30
N LEU A 211 -62.80 -0.60 3.87
CA LEU A 211 -62.59 -1.55 2.75
C LEU A 211 -62.23 -0.75 1.49
N ALA A 212 -62.95 0.35 1.25
CA ALA A 212 -62.74 1.23 0.08
C ALA A 212 -61.37 1.92 0.10
N SER A 213 -60.91 2.28 1.30
CA SER A 213 -59.65 3.05 1.50
C SER A 213 -58.45 2.30 0.92
N ILE A 214 -58.42 0.97 1.06
CA ILE A 214 -57.29 0.21 0.50
C ILE A 214 -57.33 0.44 -1.02
N ILE A 215 -58.51 0.26 -1.60
CA ILE A 215 -58.74 0.45 -3.05
C ILE A 215 -58.55 1.93 -3.40
N LEU A 216 -59.23 2.81 -2.65
CA LEU A 216 -59.19 4.27 -2.86
C LEU A 216 -57.76 4.76 -2.61
N LYS A 217 -57.13 4.29 -1.53
CA LYS A 217 -55.72 4.69 -1.24
C LYS A 217 -54.81 3.91 -2.19
N ALA A 218 -55.32 2.84 -2.79
CA ALA A 218 -54.52 2.00 -3.73
C ALA A 218 -55.21 1.91 -5.08
N GLY A 219 -54.87 2.81 -6.01
CA GLY A 219 -55.47 2.83 -7.36
C GLY A 219 -54.99 4.00 -8.18
N PRO A 238 -60.83 -4.85 -13.70
CA PRO A 238 -61.67 -6.00 -13.39
C PRO A 238 -62.27 -5.89 -11.98
N SER A 239 -61.95 -6.85 -11.11
CA SER A 239 -62.46 -6.85 -9.71
C SER A 239 -62.21 -5.48 -9.07
N ILE A 240 -60.97 -5.01 -9.14
CA ILE A 240 -60.59 -3.70 -8.53
C ILE A 240 -61.28 -2.56 -9.28
N LEU A 241 -61.51 -2.72 -10.59
CA LEU A 241 -62.20 -1.67 -11.41
C LEU A 241 -63.72 -1.76 -11.16
N LYS A 242 -64.18 -2.93 -10.67
CA LYS A 242 -65.62 -3.15 -10.37
C LYS A 242 -65.92 -2.54 -8.99
N ILE A 243 -64.89 -2.34 -8.18
CA ILE A 243 -65.03 -1.74 -6.83
C ILE A 243 -65.17 -0.22 -6.97
N VAL A 244 -64.72 0.34 -8.10
CA VAL A 244 -64.85 1.81 -8.31
C VAL A 244 -66.28 2.11 -8.73
N GLN A 245 -66.93 1.15 -9.39
CA GLN A 245 -68.35 1.31 -9.81
C GLN A 245 -69.20 0.45 -8.88
N ASP A 246 -68.69 0.20 -7.68
CA ASP A 246 -69.32 -0.66 -6.64
C ASP A 246 -70.83 -0.41 -6.55
N TYR A 247 -71.25 0.85 -6.41
CA TYR A 247 -72.69 1.18 -6.28
C TYR A 247 -72.98 2.48 -7.04
N GLU A 248 -72.16 2.80 -8.06
CA GLU A 248 -72.33 4.04 -8.83
C GLU A 248 -73.20 3.79 -10.06
N LEU A 249 -73.49 2.52 -10.38
CA LEU A 249 -74.25 2.23 -11.61
C LEU A 249 -75.75 2.38 -11.34
N PRO A 260 -72.55 -3.09 -3.38
CA PRO A 260 -71.99 -3.39 -2.06
C PRO A 260 -71.38 -4.80 -2.04
N SER A 261 -71.12 -5.41 -3.20
CA SER A 261 -70.56 -6.80 -3.12
C SER A 261 -69.25 -6.77 -2.35
N LEU A 262 -69.10 -7.67 -1.37
CA LEU A 262 -67.86 -7.74 -0.54
C LEU A 262 -67.56 -9.21 -0.23
N ILE A 263 -68.46 -10.12 -0.63
CA ILE A 263 -68.27 -11.58 -0.39
C ILE A 263 -67.33 -12.14 -1.45
N ALA A 264 -67.17 -11.42 -2.57
CA ALA A 264 -66.28 -11.86 -3.67
C ALA A 264 -64.83 -11.47 -3.35
N ASN A 265 -64.65 -10.36 -2.62
CA ASN A 265 -63.30 -9.88 -2.24
C ASN A 265 -62.62 -10.92 -1.34
N LEU A 266 -63.34 -11.41 -0.34
CA LEU A 266 -62.80 -12.44 0.60
C LEU A 266 -62.28 -13.63 -0.22
N LYS A 267 -63.15 -14.23 -1.04
CA LYS A 267 -62.78 -15.39 -1.88
C LYS A 267 -61.56 -15.02 -2.74
N GLU A 268 -61.62 -13.87 -3.41
CA GLU A 268 -60.50 -13.40 -4.26
C GLU A 268 -59.24 -13.25 -3.41
N LYS A 269 -59.37 -12.63 -2.23
CA LYS A 269 -58.22 -12.44 -1.30
C LYS A 269 -57.61 -13.80 -0.96
N LEU A 270 -58.46 -14.77 -0.59
CA LEU A 270 -57.99 -16.13 -0.25
C LEU A 270 -57.23 -16.72 -1.44
N GLY A 271 -57.80 -16.58 -2.64
CA GLY A 271 -57.16 -17.09 -3.88
C GLY A 271 -55.90 -16.32 -4.21
N ARG A 272 -55.92 -14.99 -4.01
CA ARG A 272 -54.75 -14.13 -4.29
C ARG A 272 -53.64 -14.45 -3.27
N PHE A 273 -54.03 -14.76 -2.04
CA PHE A 273 -53.05 -15.10 -0.97
C PHE A 273 -52.49 -16.51 -1.22
N GLU A 274 -53.29 -17.36 -1.88
CA GLU A 274 -52.87 -18.75 -2.20
C GLU A 274 -51.95 -18.73 -3.42
N TYR A 275 -52.05 -17.67 -4.23
CA TYR A 275 -51.21 -17.52 -5.45
C TYR A 275 -49.75 -17.26 -5.02
N GLU A 276 -49.56 -16.58 -3.89
CA GLU A 276 -48.21 -16.27 -3.37
C GLU A 276 -47.64 -17.52 -2.69
N CYS A 277 -46.31 -17.58 -2.53
CA CYS A 277 -45.66 -18.76 -1.89
C CYS A 277 -44.36 -18.32 -1.21
N GLU A 278 -43.89 -19.10 -0.23
CA GLU A 278 -42.65 -18.80 0.53
C GLU A 278 -41.80 -20.07 0.72
N TRP A 279 -40.66 -19.92 1.41
CA TRP A 279 -39.71 -21.02 1.68
C TRP A 279 -40.44 -22.23 2.26
N LYS A 280 -40.21 -23.41 1.67
CA LYS A 280 -40.81 -24.69 2.13
C LYS A 280 -39.70 -25.63 2.58
N CYS A 281 -38.62 -25.71 1.78
CA CYS A 281 -37.48 -26.62 2.07
C CYS A 281 -36.65 -26.10 3.25
N GLU A 283 -37.44 -25.37 6.44
CA GLU A 283 -37.66 -25.99 7.77
C GLU A 283 -36.75 -27.21 7.96
N LYS A 284 -36.64 -28.08 6.97
CA LYS A 284 -35.81 -29.30 7.18
C LYS A 284 -34.39 -28.82 7.47
N ILE A 285 -33.99 -27.79 6.73
CA ILE A 285 -32.62 -27.20 6.82
C ILE A 285 -32.40 -26.66 8.24
N LYS A 286 -33.34 -25.85 8.71
CA LYS A 286 -33.24 -25.23 10.06
C LYS A 286 -33.00 -26.35 11.07
N ALA A 287 -33.89 -27.34 11.08
CA ALA A 287 -33.79 -28.47 12.02
C ALA A 287 -32.41 -29.12 11.93
N PHE A 288 -31.94 -29.39 10.71
CA PHE A 288 -30.61 -30.04 10.52
C PHE A 288 -29.53 -29.28 11.29
N LEU A 289 -29.49 -27.95 11.12
CA LEU A 289 -28.45 -27.12 11.76
C LEU A 289 -28.42 -27.39 13.26
N ALA A 290 -29.56 -27.22 13.93
CA ALA A 290 -29.78 -27.41 15.39
C ALA A 290 -28.93 -28.53 15.96
N SER A 291 -29.04 -29.74 15.40
CA SER A 291 -28.23 -30.90 15.84
C SER A 291 -26.76 -30.52 15.88
N LYS A 292 -26.25 -29.93 14.79
CA LYS A 292 -24.83 -29.55 14.74
C LYS A 292 -24.63 -28.18 15.41
N VAL A 293 -25.15 -27.11 14.82
CA VAL A 293 -24.99 -25.74 15.38
C VAL A 293 -25.61 -25.66 16.77
N GLY A 294 -26.87 -26.09 16.94
CA GLY A 294 -27.44 -25.91 18.29
C GLY A 294 -28.72 -25.11 18.19
N PRO A 295 -29.44 -24.82 19.30
CA PRO A 295 -30.70 -24.09 19.19
C PRO A 295 -30.37 -22.78 18.47
N TYR A 296 -31.28 -22.35 17.60
CA TYR A 296 -31.05 -21.14 16.77
C TYR A 296 -31.44 -19.86 17.51
N TYR A 297 -30.55 -18.87 17.39
CA TYR A 297 -30.77 -17.49 17.91
C TYR A 297 -30.27 -16.56 16.81
N LEU A 298 -31.06 -15.51 16.51
CA LEU A 298 -30.71 -14.53 15.46
C LEU A 298 -29.28 -14.03 15.68
N GLY A 299 -29.00 -13.52 16.89
CA GLY A 299 -27.66 -12.99 17.23
C GLY A 299 -26.56 -13.97 16.87
N SER A 300 -26.72 -15.24 17.27
CA SER A 300 -25.70 -16.29 16.99
C SER A 300 -25.89 -16.83 15.56
N TYR A 301 -27.07 -17.41 15.29
CA TYR A 301 -27.36 -17.99 13.96
C TYR A 301 -27.01 -16.99 12.85
N SER A 302 -27.03 -15.69 13.18
CA SER A 302 -26.70 -14.63 12.20
C SER A 302 -25.22 -14.24 12.30
N ALA A 303 -24.67 -14.25 13.52
CA ALA A 303 -23.26 -13.90 13.75
C ALA A 303 -22.33 -14.98 13.17
N LEU A 305 -22.86 -16.97 10.72
CA LEU A 305 -22.92 -16.94 9.24
C LEU A 305 -22.06 -15.79 8.72
N GLU A 306 -22.19 -14.61 9.32
CA GLU A 306 -21.46 -13.46 8.76
C GLU A 306 -19.97 -13.78 8.77
N ASN A 307 -19.47 -14.30 9.90
CA ASN A 307 -18.03 -14.65 10.06
C ASN A 307 -17.66 -15.74 9.06
N ALA A 308 -18.54 -16.71 8.83
CA ALA A 308 -18.26 -17.82 7.90
C ALA A 308 -18.28 -17.38 6.43
N LEU A 309 -19.31 -16.63 6.02
CA LEU A 309 -19.46 -16.27 4.59
C LEU A 309 -18.59 -15.09 4.18
N SER A 310 -17.83 -14.50 5.10
CA SER A 310 -16.99 -13.36 4.69
C SER A 310 -16.04 -13.79 3.58
N PRO A 311 -15.27 -14.88 3.76
CA PRO A 311 -14.31 -15.31 2.75
C PRO A 311 -15.02 -15.56 1.41
N ILE A 312 -16.02 -16.44 1.44
CA ILE A 312 -16.77 -16.79 0.20
C ILE A 312 -17.03 -15.53 -0.61
N LYS A 313 -17.85 -14.62 -0.08
CA LYS A 313 -18.21 -13.37 -0.80
C LYS A 313 -16.95 -12.66 -1.28
N GLY A 314 -15.98 -12.47 -0.39
CA GLY A 314 -14.73 -11.79 -0.74
C GLY A 314 -14.06 -12.46 -1.93
N THR A 316 -14.92 -14.66 -4.14
CA THR A 316 -15.72 -14.54 -5.36
C THR A 316 -15.52 -13.15 -5.94
N THR A 317 -15.83 -12.11 -5.18
CA THR A 317 -15.66 -10.73 -5.70
C THR A 317 -14.20 -10.51 -6.11
N LYS A 318 -13.27 -10.88 -5.24
CA LYS A 318 -11.81 -10.69 -5.50
C LYS A 318 -11.39 -11.44 -6.77
N ASN A 319 -11.25 -12.78 -6.66
CA ASN A 319 -10.84 -13.63 -7.81
C ASN A 319 -11.55 -13.15 -9.07
N CYS A 320 -12.87 -12.91 -8.98
CA CYS A 320 -13.64 -12.44 -10.15
C CYS A 320 -13.02 -11.14 -10.68
N LYS A 321 -12.77 -10.17 -9.80
CA LYS A 321 -12.14 -8.92 -10.29
C LYS A 321 -10.79 -9.29 -10.88
N PHE A 322 -10.01 -10.08 -10.15
CA PHE A 322 -8.66 -10.51 -10.61
C PHE A 322 -8.78 -11.12 -12.01
N VAL A 323 -9.60 -12.15 -12.18
CA VAL A 323 -9.67 -12.79 -13.53
C VAL A 323 -10.22 -11.81 -14.55
N LEU A 324 -11.16 -10.95 -14.17
CA LEU A 324 -11.70 -9.95 -15.12
C LEU A 324 -10.54 -9.16 -15.72
N LYS A 325 -9.64 -8.65 -14.88
CA LYS A 325 -8.51 -7.85 -15.45
C LYS A 325 -7.33 -8.79 -15.72
N GLN A 326 -7.45 -10.06 -15.32
CA GLN A 326 -6.32 -10.99 -15.52
C GLN A 326 -5.96 -11.03 -16.99
N ILE A 327 -6.95 -11.20 -17.86
CA ILE A 327 -6.65 -11.31 -19.31
C ILE A 327 -6.68 -9.92 -19.95
N ASP A 328 -7.14 -8.91 -19.21
CA ASP A 328 -7.25 -7.52 -19.73
C ASP A 328 -5.94 -7.12 -20.43
N ALA A 329 -4.83 -7.26 -19.73
CA ALA A 329 -3.53 -6.93 -20.36
C ALA A 329 -3.02 -8.18 -21.08
N LYS A 330 -3.22 -9.35 -20.46
CA LYS A 330 -2.75 -10.64 -21.02
C LYS A 330 -3.17 -10.79 -22.50
N ASN A 331 -4.45 -10.52 -22.80
CA ASN A 331 -4.97 -10.68 -24.18
C ASN A 331 -4.21 -9.83 -25.20
N ASP A 332 -4.44 -8.51 -25.19
CA ASP A 332 -3.77 -7.58 -26.14
C ASP A 332 -2.26 -7.56 -25.85
N ILE A 333 -1.89 -7.81 -24.59
CA ILE A 333 -0.44 -7.83 -24.19
C ILE A 333 0.33 -8.74 -25.14
N LYS A 334 1.35 -8.20 -25.81
CA LYS A 334 2.18 -8.99 -26.77
C LYS A 334 2.66 -10.27 -26.09
N TYR A 335 2.46 -11.40 -26.75
CA TYR A 335 2.92 -12.71 -26.24
C TYR A 335 3.57 -13.48 -27.39
N GLU A 336 4.69 -12.99 -27.91
CA GLU A 336 5.31 -13.68 -29.07
C GLU A 336 6.84 -13.55 -29.07
N ASN A 337 7.41 -12.64 -28.29
CA ASN A 337 8.89 -12.45 -28.31
C ASN A 337 9.59 -13.28 -27.24
N GLU A 338 9.12 -14.50 -26.98
CA GLU A 338 9.72 -15.39 -25.96
C GLU A 338 11.24 -15.45 -26.20
N PRO A 339 11.66 -15.82 -27.42
CA PRO A 339 13.09 -15.87 -27.74
C PRO A 339 13.85 -14.66 -27.17
N PHE A 340 13.32 -13.45 -27.44
CA PHE A 340 13.96 -12.20 -26.94
C PHE A 340 14.14 -12.28 -25.43
N GLY A 341 13.04 -12.53 -24.71
CA GLY A 341 13.06 -12.64 -23.24
C GLY A 341 13.95 -13.80 -22.82
N LYS A 342 13.74 -14.97 -23.43
CA LYS A 342 14.53 -16.19 -23.11
C LYS A 342 16.02 -15.85 -23.22
N ILE A 343 16.44 -15.34 -24.37
CA ILE A 343 17.89 -15.00 -24.53
C ILE A 343 18.25 -13.82 -23.64
N VAL A 344 17.32 -12.89 -23.39
CA VAL A 344 17.63 -11.74 -22.51
C VAL A 344 18.10 -12.28 -21.15
N GLU A 345 17.35 -13.21 -20.57
CA GLU A 345 17.75 -13.72 -19.23
C GLU A 345 19.02 -14.55 -19.33
N GLY A 346 19.32 -15.09 -20.50
CA GLY A 346 20.45 -16.04 -20.61
C GLY A 346 21.64 -15.60 -19.78
N PHE A 347 21.68 -14.32 -19.41
CA PHE A 347 22.79 -13.77 -18.59
C PHE A 347 22.60 -14.18 -17.12
N PHE A 348 21.35 -14.44 -16.75
CA PHE A 348 21.11 -14.89 -15.35
C PHE A 348 21.81 -16.23 -15.20
N ASP A 349 21.81 -17.00 -16.29
CA ASP A 349 22.50 -18.32 -16.34
C ASP A 349 23.78 -18.16 -17.16
N SER A 350 24.19 -16.91 -17.39
CA SER A 350 25.42 -16.61 -18.16
C SER A 350 26.60 -16.52 -17.19
N PRO A 351 27.82 -16.21 -17.66
CA PRO A 351 28.97 -16.11 -16.76
C PRO A 351 28.90 -14.77 -16.02
N TYR A 352 28.26 -13.78 -16.65
CA TYR A 352 28.11 -12.42 -16.05
C TYR A 352 27.45 -12.54 -14.67
N PHE A 353 26.37 -13.32 -14.57
CA PHE A 353 25.68 -13.49 -13.27
C PHE A 353 26.52 -14.34 -12.30
N GLU A 354 27.20 -13.64 -11.41
CA GLU A 354 28.04 -14.21 -10.31
C GLU A 354 27.63 -13.55 -8.99
N SER A 355 27.25 -14.35 -8.00
CA SER A 355 26.85 -13.85 -6.66
C SER A 355 26.84 -15.00 -5.66
N ASP A 356 26.64 -14.69 -4.38
CA ASP A 356 26.60 -15.73 -3.31
C ASP A 356 25.19 -16.33 -3.24
N THR A 357 24.21 -15.52 -2.84
CA THR A 357 22.80 -15.94 -2.72
C THR A 357 22.32 -16.61 -4.01
N ASN A 358 23.00 -16.41 -5.13
CA ASN A 358 22.48 -17.04 -6.38
C ASN A 358 20.96 -16.85 -6.44
N VAL A 359 20.50 -15.60 -6.34
CA VAL A 359 19.04 -15.28 -6.39
C VAL A 359 18.74 -14.47 -7.65
N LYS A 360 17.94 -15.05 -8.57
CA LYS A 360 17.58 -14.36 -9.83
C LYS A 360 16.46 -13.35 -9.55
N TRP A 361 16.68 -12.08 -9.90
CA TRP A 361 15.67 -11.02 -9.67
C TRP A 361 14.97 -10.70 -10.99
N VAL A 362 13.72 -10.24 -10.91
CA VAL A 362 12.92 -9.94 -12.14
C VAL A 362 13.62 -8.83 -12.95
N LEU A 363 13.77 -9.06 -14.24
CA LEU A 363 14.39 -8.06 -15.14
C LEU A 363 13.34 -7.00 -15.42
N HIS A 364 13.77 -5.76 -15.67
CA HIS A 364 12.80 -4.66 -15.96
C HIS A 364 13.35 -3.70 -17.04
N PRO A 365 12.47 -2.86 -17.62
CA PRO A 365 12.84 -1.86 -18.63
C PRO A 365 13.78 -0.83 -18.01
N HIS A 366 13.61 -0.61 -16.71
CA HIS A 366 14.44 0.40 -16.01
C HIS A 366 15.90 -0.02 -16.17
N HIS A 367 16.15 -1.33 -16.10
CA HIS A 367 17.54 -1.74 -16.40
C HIS A 367 17.79 -1.28 -17.84
N ILE A 368 19.06 -1.06 -18.18
CA ILE A 368 19.48 -0.69 -19.57
C ILE A 368 19.01 0.74 -19.88
N GLY A 369 18.70 1.52 -18.84
CA GLY A 369 18.25 2.90 -19.08
C GLY A 369 17.10 2.84 -20.05
N GLU A 370 16.42 1.68 -20.12
CA GLU A 370 15.27 1.46 -21.02
C GLU A 370 15.65 1.81 -22.47
N SER A 371 14.92 2.75 -23.06
CA SER A 371 15.09 3.21 -24.46
C SER A 371 16.41 3.94 -24.60
N ASN A 372 16.89 4.46 -23.48
CA ASN A 372 18.13 5.27 -23.36
C ASN A 372 19.32 4.44 -23.85
N ILE A 373 19.33 3.16 -23.48
CA ILE A 373 20.47 2.25 -23.78
C ILE A 373 20.63 2.15 -25.29
N LYS A 374 19.55 2.40 -26.03
CA LYS A 374 19.57 2.30 -27.52
C LYS A 374 20.71 3.18 -28.04
N THR A 375 20.79 4.41 -27.54
CA THR A 375 21.84 5.38 -27.94
C THR A 375 23.24 4.76 -27.87
N LEU A 376 23.62 4.20 -26.73
CA LEU A 376 24.99 3.70 -26.47
C LEU A 376 25.40 2.53 -27.37
N TRP A 377 24.45 1.77 -27.92
CA TRP A 377 24.83 0.60 -28.76
C TRP A 377 25.77 1.05 -29.86
N GLU A 378 25.40 2.11 -30.59
CA GLU A 378 26.18 2.68 -31.71
C GLU A 378 27.64 2.83 -31.29
N ASP A 379 27.88 3.58 -30.22
CA ASP A 379 29.24 3.84 -29.71
C ASP A 379 29.99 2.51 -29.56
N LEU A 380 29.37 1.56 -28.86
CA LEU A 380 30.02 0.24 -28.64
C LEU A 380 30.41 -0.34 -30.00
N ASN A 381 29.44 -0.54 -30.88
CA ASN A 381 29.77 -1.14 -32.20
C ASN A 381 30.79 -0.27 -32.93
N ALA A 382 30.61 1.05 -32.90
CA ALA A 382 31.55 2.01 -33.55
C ALA A 382 32.97 1.67 -33.12
N ILE A 383 33.22 1.57 -31.82
CA ILE A 383 34.60 1.23 -31.37
C ILE A 383 34.82 -0.28 -31.59
N HIS A 384 33.75 -1.07 -31.55
CA HIS A 384 33.94 -2.52 -31.76
C HIS A 384 34.52 -2.70 -33.15
N SER A 385 33.90 -2.08 -34.15
CA SER A 385 34.35 -2.17 -35.55
C SER A 385 35.82 -1.76 -35.61
N LYS A 386 36.11 -0.59 -35.03
CA LYS A 386 37.48 -0.02 -34.96
C LYS A 386 38.44 -1.10 -34.45
N TYR A 387 38.16 -1.68 -33.27
CA TYR A 387 39.07 -2.75 -32.80
C TYR A 387 39.18 -3.79 -33.91
N GLU A 388 38.03 -4.13 -34.52
CA GLU A 388 38.00 -5.12 -35.63
C GLU A 388 38.88 -4.59 -36.77
N GLU A 389 38.79 -3.29 -37.04
CA GLU A 389 39.60 -2.64 -38.10
C GLU A 389 41.05 -2.58 -37.64
N ASP A 390 41.31 -2.04 -36.46
CA ASP A 390 42.72 -1.98 -35.97
C ASP A 390 43.19 -3.42 -35.90
N ILE A 391 42.27 -4.35 -35.61
CA ILE A 391 42.60 -5.80 -35.53
C ILE A 391 43.07 -6.28 -36.91
N ALA A 392 42.53 -5.70 -37.99
CA ALA A 392 42.95 -6.10 -39.35
C ALA A 392 44.41 -5.75 -39.64
N SER A 393 44.78 -4.49 -39.36
CA SER A 393 46.12 -3.93 -39.68
C SER A 393 47.23 -4.69 -38.94
N LEU A 394 46.99 -5.03 -37.67
CA LEU A 394 47.99 -5.76 -36.85
C LEU A 394 47.41 -7.13 -36.52
N SER A 395 46.70 -7.70 -37.49
CA SER A 395 45.95 -8.96 -37.33
C SER A 395 46.89 -10.17 -37.44
N GLU A 396 47.56 -10.49 -36.33
CA GLU A 396 48.52 -11.60 -36.22
C GLU A 396 48.44 -12.17 -34.80
N ASP A 397 48.96 -13.37 -34.58
CA ASP A 397 48.90 -14.01 -33.24
C ASP A 397 49.98 -13.42 -32.34
N LYS A 398 50.70 -12.43 -32.87
CA LYS A 398 51.78 -11.71 -32.14
C LYS A 398 51.25 -11.10 -30.84
N LYS A 399 50.19 -10.29 -30.89
CA LYS A 399 49.69 -9.64 -29.64
C LYS A 399 48.17 -9.74 -29.51
N GLU A 400 47.68 -10.49 -28.51
CA GLU A 400 46.23 -10.64 -28.27
C GLU A 400 45.81 -9.66 -27.17
N LYS A 401 46.70 -8.72 -26.82
CA LYS A 401 46.43 -7.71 -25.77
C LYS A 401 45.39 -6.70 -26.29
N ARG A 402 45.40 -6.46 -27.61
CA ARG A 402 44.44 -5.50 -28.23
C ARG A 402 43.01 -5.87 -27.80
N ILE A 403 42.64 -7.15 -27.96
CA ILE A 403 41.28 -7.64 -27.57
C ILE A 403 41.09 -7.41 -26.07
N LYS A 404 42.12 -7.71 -25.27
CA LYS A 404 42.06 -7.54 -23.79
C LYS A 404 41.93 -6.05 -23.46
N VAL A 405 42.59 -5.19 -24.25
CA VAL A 405 42.55 -3.71 -24.02
C VAL A 405 41.22 -3.18 -24.58
N TYR A 406 40.79 -3.70 -25.73
CA TYR A 406 39.47 -3.28 -26.26
C TYR A 406 38.45 -3.67 -25.20
N GLN A 407 38.72 -4.82 -24.57
CA GLN A 407 37.94 -5.43 -23.48
C GLN A 407 37.70 -4.41 -22.37
N GLY A 408 38.75 -4.11 -21.61
CA GLY A 408 38.67 -3.17 -20.47
C GLY A 408 38.01 -1.86 -20.82
N ASP A 409 38.39 -1.28 -21.95
CA ASP A 409 37.84 0.03 -22.40
C ASP A 409 36.31 -0.01 -22.38
N VAL A 410 35.73 -1.05 -22.98
CA VAL A 410 34.25 -1.22 -23.07
C VAL A 410 33.58 -0.98 -21.71
N CYS A 411 33.87 -1.82 -20.73
CA CYS A 411 33.27 -1.71 -19.37
C CYS A 411 33.20 -0.24 -18.94
N GLN A 412 34.34 0.44 -18.91
CA GLN A 412 34.41 1.87 -18.49
C GLN A 412 33.23 2.63 -19.08
N THR A 413 33.06 2.55 -20.41
CA THR A 413 31.92 3.21 -21.08
C THR A 413 30.63 2.79 -20.38
N ILE A 414 30.40 1.49 -20.25
CA ILE A 414 29.16 1.01 -19.58
C ILE A 414 29.10 1.61 -18.18
N ASN A 415 30.19 1.47 -17.44
CA ASN A 415 30.27 1.97 -16.05
C ASN A 415 29.85 3.45 -16.04
N THR A 416 30.48 4.25 -16.90
CA THR A 416 30.07 5.67 -16.94
C THR A 416 28.59 5.74 -17.33
N TYR A 417 28.23 5.04 -18.41
CA TYR A 417 26.84 5.01 -18.93
C TYR A 417 25.85 4.61 -17.83
N CYS A 418 26.18 3.60 -17.02
CA CYS A 418 25.23 3.16 -15.97
C CYS A 418 25.11 4.27 -14.92
N GLU A 419 26.25 4.78 -14.48
CA GLU A 419 26.27 5.86 -13.47
C GLU A 419 25.52 7.05 -14.04
N GLU A 420 25.99 7.55 -15.18
CA GLU A 420 25.43 8.73 -15.90
C GLU A 420 23.91 8.66 -15.91
N VAL A 421 23.38 7.59 -16.50
CA VAL A 421 21.90 7.38 -16.60
C VAL A 421 21.32 7.25 -15.19
N GLY A 422 21.98 6.52 -14.29
CA GLY A 422 21.45 6.36 -12.92
C GLY A 422 21.54 7.65 -12.13
N LYS A 423 22.52 8.48 -12.51
CA LYS A 423 22.78 9.79 -11.87
C LYS A 423 21.44 10.49 -11.58
N GLU A 424 20.51 10.41 -12.53
CA GLU A 424 19.18 11.07 -12.36
C GLU A 424 18.06 10.04 -12.55
N ALA A 425 18.36 8.75 -12.42
CA ALA A 425 17.33 7.70 -12.59
C ALA A 425 17.89 6.33 -12.17
N LYS A 426 17.88 6.02 -10.88
CA LYS A 426 18.37 4.71 -10.33
C LYS A 426 19.75 4.39 -10.92
N THR A 427 19.95 3.14 -11.32
CA THR A 427 21.19 2.79 -12.06
C THR A 427 20.99 1.46 -12.77
N PRO A 428 21.08 1.37 -14.11
CA PRO A 428 20.91 0.11 -14.82
C PRO A 428 22.04 -0.86 -14.46
N LEU A 429 21.79 -2.17 -14.47
CA LEU A 429 22.84 -3.15 -14.12
C LEU A 429 23.96 -3.12 -15.19
N VAL A 430 25.17 -2.77 -14.79
CA VAL A 430 26.34 -2.72 -15.73
C VAL A 430 26.81 -4.15 -16.00
N GLN A 431 26.72 -5.03 -15.00
CA GLN A 431 27.13 -6.44 -15.14
C GLN A 431 26.18 -7.15 -16.10
N LEU A 432 24.88 -6.81 -16.05
CA LEU A 432 23.86 -7.42 -16.93
C LEU A 432 24.08 -6.92 -18.37
N LEU A 433 24.55 -5.68 -18.51
CA LEU A 433 24.81 -5.09 -19.85
C LEU A 433 25.97 -5.83 -20.51
N ARG A 434 26.77 -6.54 -19.72
CA ARG A 434 27.94 -7.31 -20.23
C ARG A 434 27.42 -8.51 -21.04
N TYR A 435 26.45 -9.24 -20.49
CA TYR A 435 25.87 -10.43 -21.18
C TYR A 435 24.88 -9.97 -22.25
N LEU A 436 24.37 -8.74 -22.11
CA LEU A 436 23.40 -8.17 -23.08
C LEU A 436 24.13 -7.85 -24.39
N TYR A 437 25.39 -7.41 -24.29
CA TYR A 437 26.19 -7.06 -25.49
C TYR A 437 26.79 -8.34 -26.09
N SER A 438 27.14 -9.27 -25.20
CA SER A 438 27.77 -10.55 -25.58
C SER A 438 27.08 -11.07 -26.84
N ARG A 439 25.75 -11.04 -26.84
CA ARG A 439 24.96 -11.56 -27.97
C ARG A 439 24.54 -10.40 -28.88
N LYS A 440 25.45 -9.43 -29.10
CA LYS A 440 25.17 -8.25 -29.95
C LYS A 440 24.55 -8.69 -31.28
N ASP A 441 25.31 -9.42 -32.09
CA ASP A 441 24.83 -9.90 -33.41
C ASP A 441 23.76 -10.96 -33.20
N ASP A 442 23.74 -11.60 -32.02
CA ASP A 442 22.74 -12.65 -31.70
C ASP A 442 21.33 -12.08 -31.88
N ILE A 443 20.96 -11.09 -31.06
CA ILE A 443 19.62 -10.46 -31.13
C ILE A 443 19.79 -8.98 -31.51
N ALA A 444 18.71 -8.35 -32.01
CA ALA A 444 18.75 -6.93 -32.41
C ALA A 444 18.56 -6.03 -31.18
N VAL A 445 18.85 -4.74 -31.32
CA VAL A 445 18.71 -3.76 -30.19
C VAL A 445 17.23 -3.55 -29.91
N ASP A 446 16.45 -3.18 -30.94
CA ASP A 446 15.00 -2.94 -30.79
C ASP A 446 14.33 -4.18 -30.18
N LYS A 447 14.63 -5.36 -30.75
CA LYS A 447 14.05 -6.64 -30.25
C LYS A 447 14.30 -6.78 -28.75
N ILE A 448 15.54 -6.56 -28.32
CA ILE A 448 15.91 -6.67 -26.88
C ILE A 448 14.95 -5.81 -26.05
N ILE A 449 14.80 -4.54 -26.42
CA ILE A 449 13.88 -3.60 -25.71
C ILE A 449 12.47 -4.21 -25.72
N ASP A 450 12.04 -4.74 -26.87
CA ASP A 450 10.70 -5.37 -27.01
C ASP A 450 10.66 -6.61 -26.12
N GLY A 451 11.76 -7.36 -26.07
CA GLY A 451 11.85 -8.58 -25.24
C GLY A 451 11.79 -8.24 -23.75
N ILE A 452 12.47 -7.16 -23.35
CA ILE A 452 12.49 -6.71 -21.94
C ILE A 452 11.05 -6.42 -21.50
N THR A 453 10.36 -5.56 -22.26
CA THR A 453 8.95 -5.21 -21.95
C THR A 453 8.13 -6.50 -21.83
N PHE A 454 8.18 -7.34 -22.85
CA PHE A 454 7.42 -8.62 -22.82
C PHE A 454 7.79 -9.40 -21.56
N LEU A 455 9.09 -9.54 -21.33
CA LEU A 455 9.59 -10.30 -20.16
C LEU A 455 8.97 -9.72 -18.89
N SER A 456 9.02 -8.40 -18.73
CA SER A 456 8.46 -7.69 -17.54
C SER A 456 7.05 -8.17 -17.18
N LYS A 457 6.16 -8.29 -18.14
CA LYS A 457 4.77 -8.72 -17.81
C LYS A 457 4.74 -10.21 -17.46
N LYS A 458 4.92 -11.05 -18.48
CA LYS A 458 4.83 -12.53 -18.35
C LYS A 458 5.56 -13.05 -17.10
N HIS A 459 6.83 -12.65 -16.91
CA HIS A 459 7.66 -13.13 -15.78
C HIS A 459 6.88 -13.13 -14.45
N LYS A 460 6.27 -12.01 -14.09
CA LYS A 460 5.54 -11.89 -12.79
C LYS A 460 4.05 -11.61 -13.01
N VAL A 461 3.69 -10.64 -13.84
CA VAL A 461 2.23 -10.34 -14.00
C VAL A 461 1.46 -11.66 -14.11
N GLU A 462 1.99 -12.63 -14.85
CA GLU A 462 1.30 -13.93 -15.05
C GLU A 462 1.42 -14.84 -13.81
N LYS A 463 2.41 -14.58 -12.95
CA LYS A 463 2.61 -15.42 -11.73
C LYS A 463 1.64 -15.02 -10.58
N GLN A 464 0.71 -14.13 -10.91
CA GLN A 464 -0.31 -13.75 -9.91
C GLN A 464 -1.07 -15.08 -9.81
N LYS A 465 -1.10 -15.69 -8.62
CA LYS A 465 -1.79 -16.98 -8.41
C LYS A 465 -3.30 -16.74 -8.25
N ILE A 466 -4.07 -17.81 -8.02
CA ILE A 466 -5.55 -17.70 -7.89
C ILE A 466 -5.95 -17.53 -6.41
N ASN A 467 -6.93 -16.66 -6.16
CA ASN A 467 -7.47 -16.38 -4.80
C ASN A 467 -8.18 -17.65 -4.32
N PRO A 468 -7.64 -18.41 -3.33
CA PRO A 468 -8.28 -19.63 -2.86
C PRO A 468 -9.27 -19.24 -1.76
N VAL A 469 -10.27 -20.08 -1.51
CA VAL A 469 -11.29 -19.73 -0.49
C VAL A 469 -11.14 -20.64 0.74
N ILE A 470 -10.72 -20.06 1.86
CA ILE A 470 -10.54 -20.87 3.11
C ILE A 470 -10.93 -20.00 4.31
N GLN A 471 -11.74 -20.56 5.22
CA GLN A 471 -12.20 -19.80 6.42
C GLN A 471 -11.03 -19.64 7.39
N LYS A 472 -10.61 -18.38 7.64
CA LYS A 472 -9.49 -18.10 8.57
C LYS A 472 -10.06 -17.72 9.94
N TYR A 473 -9.19 -17.48 10.92
CA TYR A 473 -9.63 -17.10 12.30
C TYR A 473 -10.77 -16.08 12.18
N PRO A 474 -11.93 -16.31 12.84
CA PRO A 474 -13.05 -15.38 12.76
C PRO A 474 -13.07 -14.44 13.96
N SER A 475 -14.05 -13.53 13.99
CA SER A 475 -14.18 -12.55 15.10
C SER A 475 -15.54 -11.84 15.01
N PHE A 476 -16.38 -12.00 16.03
CA PHE A 476 -17.73 -11.37 16.06
C PHE A 476 -17.69 -10.10 16.91
N ASN A 477 -18.44 -9.08 16.50
CA ASN A 477 -18.49 -7.79 17.24
C ASN A 477 -19.89 -7.61 17.84
N PHE A 478 -20.06 -6.58 18.68
CA PHE A 478 -21.37 -6.30 19.34
C PHE A 478 -21.80 -4.86 19.02
N GLY A 479 -22.64 -4.70 17.99
CA GLY A 479 -23.14 -3.37 17.59
C GLY A 479 -24.27 -2.90 18.48
N ASN A 480 -24.63 -1.61 18.37
CA ASN A 480 -25.73 -1.04 19.19
C ASN A 480 -27.04 -1.79 18.91
N ASN A 481 -27.44 -1.83 17.64
CA ASN A 481 -28.67 -2.59 17.25
C ASN A 481 -28.42 -3.29 15.92
N SER A 482 -29.36 -4.15 15.50
CA SER A 482 -29.24 -4.90 14.21
C SER A 482 -27.90 -5.67 14.16
N LYS A 483 -27.51 -6.28 15.28
CA LYS A 483 -26.25 -7.07 15.38
C LYS A 483 -26.24 -7.82 16.72
N LEU A 484 -25.09 -8.37 17.11
CA LEU A 484 -24.97 -9.10 18.40
C LEU A 484 -25.26 -8.13 19.55
N LEU A 485 -26.04 -8.56 20.54
CA LEU A 485 -26.38 -7.68 21.69
C LEU A 485 -25.09 -7.13 22.30
N GLY A 486 -25.01 -5.81 22.50
CA GLY A 486 -23.78 -5.24 23.07
C GLY A 486 -23.86 -3.73 23.22
N LYS A 487 -23.06 -3.18 24.13
CA LYS A 487 -23.01 -1.72 24.41
C LYS A 487 -21.86 -1.43 25.36
N ILE A 488 -21.09 -0.36 25.10
CA ILE A 488 -19.92 0.03 25.94
C ILE A 488 -20.41 0.98 27.04
N ILE A 489 -19.91 0.81 28.27
CA ILE A 489 -20.30 1.68 29.41
C ILE A 489 -20.39 3.13 28.91
N SER A 490 -21.49 3.82 29.27
CA SER A 490 -21.70 5.23 28.85
C SER A 490 -20.82 6.17 29.68
N PRO A 491 -20.32 7.29 29.11
CA PRO A 491 -19.48 8.23 29.86
C PRO A 491 -20.32 9.03 30.87
N LYS A 492 -21.64 9.10 30.62
CA LYS A 492 -22.57 9.84 31.51
C LYS A 492 -23.02 8.91 32.65
N ASP A 493 -22.93 7.60 32.42
CA ASP A 493 -23.33 6.59 33.44
C ASP A 493 -22.07 6.00 34.08
N LYS A 494 -20.89 6.47 33.65
CA LYS A 494 -19.59 5.98 34.19
C LYS A 494 -19.33 6.64 35.55
N LEU A 495 -19.46 7.97 35.62
CA LEU A 495 -19.23 8.71 36.89
C LEU A 495 -20.53 8.73 37.70
N LYS A 496 -21.65 8.34 37.07
CA LYS A 496 -22.96 8.30 37.77
C LYS A 496 -23.09 6.97 38.52
N HIS A 497 -22.51 5.91 37.96
CA HIS A 497 -22.55 4.56 38.59
C HIS A 497 -21.34 4.39 39.51
N ASN A 498 -20.32 5.23 39.35
CA ASN A 498 -19.09 5.16 40.17
C ASN A 498 -19.35 5.85 41.52
N LEU A 499 -20.35 6.74 41.57
CA LEU A 499 -20.71 7.47 42.82
C LEU A 499 -21.38 6.50 43.79
N LYS A 500 -22.09 5.50 43.27
CA LYS A 500 -22.79 4.49 44.11
C LYS A 500 -21.74 3.63 44.84
N CYS A 501 -20.62 3.34 44.16
CA CYS A 501 -19.54 2.52 44.76
C CYS A 501 -18.54 3.43 45.50
N ASN A 502 -18.74 4.75 45.40
CA ASN A 502 -17.85 5.73 46.07
C ASN A 502 -16.40 5.45 45.69
N ARG A 503 -16.10 5.45 44.38
CA ARG A 503 -14.71 5.19 43.89
C ARG A 503 -14.15 6.47 43.27
N ASN A 504 -12.87 6.45 42.89
CA ASN A 504 -12.20 7.63 42.28
C ASN A 504 -13.06 8.14 41.11
N GLN A 505 -13.50 9.40 41.18
CA GLN A 505 -14.35 10.00 40.12
C GLN A 505 -13.95 9.39 38.77
N VAL A 506 -12.67 9.14 38.55
CA VAL A 506 -12.29 8.58 37.22
C VAL A 506 -11.19 7.53 37.40
N ASP A 507 -11.23 6.49 36.56
CA ASP A 507 -10.23 5.38 36.57
C ASP A 507 -9.73 5.19 35.14
N ASN A 508 -8.43 4.98 34.96
CA ASN A 508 -7.84 4.82 33.60
C ASN A 508 -8.16 3.41 33.07
N TYR A 509 -9.45 3.08 32.98
CA TYR A 509 -9.88 1.74 32.49
C TYR A 509 -11.25 1.86 31.81
N ILE A 510 -11.35 1.39 30.56
CA ILE A 510 -12.62 1.45 29.79
C ILE A 510 -13.49 0.24 30.18
N TRP A 511 -14.81 0.45 30.28
CA TRP A 511 -15.75 -0.64 30.67
C TRP A 511 -16.82 -0.80 29.59
N ILE A 512 -17.33 -2.02 29.40
CA ILE A 512 -18.37 -2.30 28.37
C ILE A 512 -19.22 -3.49 28.84
N GLU A 513 -20.46 -3.58 28.36
CA GLU A 513 -21.38 -4.69 28.74
C GLU A 513 -22.13 -5.16 27.50
N ILE A 514 -22.27 -6.48 27.33
CA ILE A 514 -22.99 -7.07 26.17
C ILE A 514 -23.63 -8.40 26.59
N LYS A 515 -24.54 -8.92 25.76
CA LYS A 515 -25.24 -10.20 26.06
C LYS A 515 -24.35 -11.38 25.64
N VAL A 516 -24.57 -12.56 26.22
CA VAL A 516 -23.78 -13.78 25.89
C VAL A 516 -24.59 -15.03 26.20
N LEU A 517 -24.09 -16.19 25.80
CA LEU A 517 -24.84 -17.46 25.96
C LEU A 517 -24.06 -18.42 26.87
N ASN A 518 -24.54 -18.65 28.10
CA ASN A 518 -23.84 -19.63 28.97
C ASN A 518 -24.13 -21.03 28.42
N THR A 519 -23.11 -21.71 27.91
CA THR A 519 -23.24 -23.07 27.31
C THR A 519 -24.08 -23.97 28.20
N LYS A 520 -23.62 -24.22 29.43
CA LYS A 520 -24.29 -25.14 30.38
C LYS A 520 -25.80 -24.87 30.48
N THR A 521 -26.20 -23.60 30.62
CA THR A 521 -27.63 -23.27 30.81
C THR A 521 -28.33 -22.92 29.48
N ARG A 523 -28.74 -20.10 27.99
CA ARG A 523 -29.66 -18.95 28.22
C ARG A 523 -29.06 -17.66 27.62
N TRP A 524 -29.89 -16.62 27.49
CA TRP A 524 -29.45 -15.31 26.95
C TRP A 524 -29.15 -14.38 28.11
N GLU A 525 -27.95 -14.44 28.70
CA GLU A 525 -27.60 -13.59 29.87
C GLU A 525 -26.66 -12.45 29.45
N LYS A 526 -26.35 -11.54 30.38
CA LYS A 526 -25.46 -10.40 30.09
C LYS A 526 -24.27 -10.42 31.05
N HIS A 527 -23.23 -9.62 30.76
CA HIS A 527 -22.03 -9.57 31.62
C HIS A 527 -21.22 -8.30 31.32
N HIS A 528 -20.39 -7.86 32.26
CA HIS A 528 -19.58 -6.64 32.09
C HIS A 528 -18.10 -7.00 32.04
N TYR A 529 -17.36 -6.41 31.11
CA TYR A 529 -15.91 -6.64 30.94
C TYR A 529 -15.29 -5.30 30.52
N ALA A 530 -14.03 -5.04 30.89
CA ALA A 530 -13.39 -3.76 30.50
C ALA A 530 -11.95 -4.01 30.07
N LEU A 531 -11.44 -3.09 29.24
CA LEU A 531 -10.06 -3.10 28.66
C LEU A 531 -9.55 -1.65 28.60
N SER A 532 -8.24 -1.48 28.53
CA SER A 532 -7.67 -0.11 28.61
C SER A 532 -6.85 0.27 27.37
N SER A 533 -7.51 0.81 26.35
CA SER A 533 -6.75 1.30 25.19
C SER A 533 -6.37 2.74 25.54
N THR A 534 -5.18 2.92 26.12
CA THR A 534 -4.66 4.26 26.52
C THR A 534 -4.93 5.27 25.41
N ARG A 535 -4.51 4.97 24.18
CA ARG A 535 -4.73 5.91 23.05
C ARG A 535 -6.20 6.34 23.00
N PHE A 536 -7.13 5.37 23.11
CA PHE A 536 -8.59 5.67 23.07
C PHE A 536 -9.04 6.51 24.26
N LEU A 537 -8.40 6.38 25.41
CA LEU A 537 -8.84 7.19 26.57
C LEU A 537 -8.74 8.65 26.17
N GLU A 538 -7.55 9.11 25.76
CA GLU A 538 -7.35 10.53 25.38
C GLU A 538 -8.18 10.88 24.14
N GLU A 539 -8.02 10.09 23.07
CA GLU A 539 -8.73 10.32 21.78
C GLU A 539 -10.19 10.67 22.01
N VAL A 540 -10.99 9.80 22.65
CA VAL A 540 -12.41 10.18 22.84
C VAL A 540 -13.04 9.47 24.04
N TYR A 541 -12.27 8.89 24.96
CA TYR A 541 -13.01 8.24 26.07
C TYR A 541 -13.00 9.10 27.33
N TYR A 542 -11.83 9.63 27.73
CA TYR A 542 -11.74 10.44 28.97
C TYR A 542 -12.77 11.56 28.93
N PRO A 543 -13.49 11.81 30.04
CA PRO A 543 -14.56 12.78 30.06
C PRO A 543 -14.20 14.09 30.76
N ALA A 544 -14.73 15.22 30.28
CA ALA A 544 -14.45 16.51 30.92
C ALA A 544 -15.58 16.82 31.91
N THR A 545 -15.28 16.69 33.20
CA THR A 545 -16.23 16.94 34.31
C THR A 545 -16.60 18.42 34.39
N SER A 546 -15.63 19.30 34.17
CA SER A 546 -15.82 20.75 34.36
C SER A 546 -16.95 21.32 33.50
N GLU A 547 -17.73 22.23 34.09
CA GLU A 547 -18.85 22.91 33.38
C GLU A 547 -18.25 23.96 32.45
N ASN A 548 -18.93 24.22 31.33
CA ASN A 548 -18.44 25.21 30.32
C ASN A 548 -17.09 24.75 29.76
N PRO A 549 -16.86 23.43 29.65
CA PRO A 549 -15.63 22.89 29.07
C PRO A 549 -15.65 23.12 27.55
N PRO A 550 -14.51 22.93 26.85
CA PRO A 550 -14.40 23.19 25.44
C PRO A 550 -15.35 22.32 24.61
N ASP A 551 -15.85 22.88 23.51
CA ASP A 551 -16.75 22.16 22.58
C ASP A 551 -15.90 21.12 21.82
N ALA A 552 -16.52 20.03 21.40
CA ALA A 552 -15.78 18.96 20.69
C ALA A 552 -15.44 19.46 19.28
N LEU A 553 -14.36 18.96 18.71
CA LEU A 553 -13.98 19.34 17.33
C LEU A 553 -14.83 18.51 16.36
N ALA A 554 -14.94 18.99 15.13
CA ALA A 554 -15.76 18.35 14.08
C ALA A 554 -15.23 16.94 13.90
N ALA A 555 -13.91 16.81 13.93
CA ALA A 555 -13.26 15.49 13.75
C ALA A 555 -13.71 14.60 14.90
N ARG A 556 -13.95 15.20 16.06
CA ARG A 556 -14.45 14.45 17.24
C ARG A 556 -13.32 13.62 17.85
N PHE A 557 -12.08 13.84 17.48
CA PHE A 557 -11.05 13.02 18.16
C PHE A 557 -10.03 13.98 18.73
N ARG A 558 -9.56 13.69 19.94
CA ARG A 558 -8.58 14.58 20.64
C ARG A 558 -7.17 14.37 20.05
N THR A 559 -7.01 14.65 18.76
CA THR A 559 -5.67 14.50 18.13
C THR A 559 -5.07 15.89 18.00
N LYS A 560 -3.75 16.00 18.18
CA LYS A 560 -3.05 17.31 18.04
C LYS A 560 -3.27 17.79 16.60
N THR A 561 -3.41 16.84 15.67
CA THR A 561 -3.66 17.16 14.25
C THR A 561 -5.07 17.73 14.18
N ASN A 562 -5.99 17.13 14.94
CA ASN A 562 -7.39 17.62 15.01
C ASN A 562 -7.35 19.04 15.57
N GLY A 563 -6.39 19.29 16.48
CA GLY A 563 -6.21 20.63 17.07
C GLY A 563 -6.25 20.66 18.58
N TYR A 564 -5.77 19.61 19.25
CA TYR A 564 -5.70 19.66 20.73
C TYR A 564 -4.25 19.34 21.13
N GLU A 565 -3.49 20.34 21.58
CA GLU A 565 -2.05 20.06 21.82
C GLU A 565 -1.92 18.98 22.88
N GLY A 566 -2.80 19.01 23.88
CA GLY A 566 -2.72 17.97 24.94
C GLY A 566 -1.47 18.19 25.76
N LYS A 567 -0.97 19.43 25.78
CA LYS A 567 0.25 19.78 26.56
C LYS A 567 -0.15 20.51 27.84
N PRO A 568 -0.80 19.84 28.82
CA PRO A 568 -1.22 20.50 30.07
C PRO A 568 -0.02 20.67 31.02
N ALA A 569 -0.03 21.76 31.80
CA ALA A 569 1.05 22.04 32.77
C ALA A 569 1.12 20.92 33.80
N LEU A 570 2.11 20.02 33.67
CA LEU A 570 2.28 18.88 34.61
C LEU A 570 2.31 19.41 36.05
N SER A 571 1.29 19.06 36.84
CA SER A 571 1.16 19.56 38.23
C SER A 571 2.11 18.84 39.20
N ALA A 572 2.20 19.36 40.42
CA ALA A 572 3.08 18.88 41.49
C ALA A 572 3.00 17.36 41.66
N GLU A 573 1.86 16.85 42.13
CA GLU A 573 1.72 15.39 42.37
C GLU A 573 1.96 14.62 41.08
N GLN A 574 1.44 15.10 39.95
CA GLN A 574 1.64 14.42 38.65
C GLN A 574 3.12 14.13 38.44
N ILE A 575 3.98 15.13 38.61
CA ILE A 575 5.45 14.90 38.42
C ILE A 575 5.88 13.78 39.38
N GLU A 576 5.48 13.85 40.65
CA GLU A 576 5.81 12.76 41.60
C GLU A 576 5.26 11.46 41.01
N GLN A 577 4.01 11.46 40.59
CA GLN A 577 3.35 10.26 39.99
C GLN A 577 4.25 9.71 38.88
N ILE A 578 4.70 10.57 37.96
CA ILE A 578 5.56 10.10 36.83
C ILE A 578 6.94 9.72 37.36
N ARG A 579 7.74 10.73 37.72
CA ARG A 579 9.14 10.57 38.20
C ARG A 579 9.29 9.35 39.12
N SER A 580 8.46 9.23 40.16
CA SER A 580 8.63 8.12 41.13
C SER A 580 8.15 6.76 40.58
N ALA A 581 7.47 6.74 39.43
CA ALA A 581 6.97 5.44 38.91
C ALA A 581 8.11 4.62 38.31
N PRO A 582 7.92 3.30 38.09
CA PRO A 582 8.97 2.44 37.55
C PRO A 582 9.22 2.74 36.07
N VAL A 583 10.42 2.42 35.59
CA VAL A 583 10.80 2.70 34.17
C VAL A 583 9.74 2.14 33.22
N GLY A 584 9.46 0.83 33.33
CA GLY A 584 8.51 0.11 32.47
C GLY A 584 7.27 0.91 32.11
N LEU A 585 6.39 1.14 33.09
CA LEU A 585 5.12 1.87 32.85
C LEU A 585 5.42 3.36 32.87
N ARG A 586 6.62 3.71 33.29
CA ARG A 586 7.00 5.15 33.42
C ARG A 586 6.50 5.94 32.22
N LYS A 587 6.69 5.41 31.01
CA LYS A 587 6.29 6.10 29.75
C LYS A 587 4.76 6.23 29.66
N VAL A 588 4.01 5.18 30.06
CA VAL A 588 2.53 5.23 29.97
C VAL A 588 1.97 6.21 30.99
N LYS A 589 2.49 6.19 32.20
CA LYS A 589 1.94 7.02 33.29
C LYS A 589 2.00 8.47 32.84
N LYS A 590 3.10 8.86 32.20
CA LYS A 590 3.28 10.26 31.71
C LYS A 590 2.07 10.63 30.85
N ARG A 591 1.73 9.77 29.89
CA ARG A 591 0.55 10.01 29.00
C ARG A 591 -0.71 9.87 29.85
N GLN A 592 -0.57 9.25 31.03
CA GLN A 592 -1.68 9.04 31.99
C GLN A 592 -1.92 10.32 32.80
N ARG A 594 -0.92 13.35 32.16
CA ARG A 594 -1.23 14.55 31.32
C ARG A 594 -2.73 14.60 31.03
N LEU A 595 -3.35 13.44 30.81
CA LEU A 595 -4.80 13.33 30.51
C LEU A 595 -5.66 13.84 31.68
N GLU A 596 -5.32 13.42 32.90
CA GLU A 596 -6.08 13.82 34.12
C GLU A 596 -5.89 15.31 34.39
N ALA A 597 -4.68 15.82 34.17
CA ALA A 597 -4.39 17.24 34.42
C ALA A 597 -5.19 18.09 33.45
N ALA A 598 -5.27 17.66 32.18
CA ALA A 598 -6.00 18.50 31.22
C ALA A 598 -7.44 18.61 31.70
N ARG A 599 -8.01 17.47 32.14
CA ARG A 599 -9.41 17.44 32.66
C ARG A 599 -9.47 18.24 33.95
N GLN A 600 -8.40 18.21 34.74
CA GLN A 600 -8.34 18.97 36.01
C GLN A 600 -8.27 20.47 35.72
N GLN A 601 -7.49 20.85 34.71
CA GLN A 601 -7.33 22.28 34.34
C GLN A 601 -8.41 22.66 33.34
N ASN A 602 -9.33 21.75 33.06
CA ASN A 602 -10.42 22.00 32.10
C ASN A 602 -9.86 22.21 30.69
N LEU A 603 -8.76 21.56 30.36
CA LEU A 603 -8.20 21.70 29.00
C LEU A 603 -8.73 20.56 28.12
N LEU A 604 -9.57 19.69 28.70
CA LEU A 604 -10.05 18.50 27.94
C LEU A 604 -11.32 18.85 27.17
N PRO A 605 -11.27 19.01 25.83
CA PRO A 605 -12.46 19.36 25.07
C PRO A 605 -13.54 18.27 25.22
N ARG A 606 -14.79 18.69 25.30
CA ARG A 606 -15.92 17.74 25.45
C ARG A 606 -15.97 16.87 24.19
N TYR A 607 -16.37 15.61 24.34
CA TYR A 607 -16.54 14.74 23.14
C TYR A 607 -17.99 14.28 23.08
N THR A 608 -18.69 14.56 21.97
CA THR A 608 -20.08 14.08 21.81
C THR A 608 -20.04 12.55 21.78
N TRP A 609 -21.03 11.90 22.38
CA TRP A 609 -21.03 10.42 22.47
C TRP A 609 -22.36 9.84 22.00
N GLY A 610 -22.33 8.72 21.30
CA GLY A 610 -23.55 8.06 20.81
C GLY A 610 -23.33 6.56 20.76
N LYS A 611 -24.40 5.78 20.53
CA LYS A 611 -24.20 4.31 20.48
C LYS A 611 -23.65 4.03 19.09
N ASP A 612 -22.51 4.63 18.76
CA ASP A 612 -21.90 4.46 17.42
C ASP A 612 -20.63 3.60 17.53
N PHE A 613 -20.52 2.82 18.59
CA PHE A 613 -19.32 1.95 18.75
C PHE A 613 -19.67 0.48 18.59
N ASN A 614 -18.88 -0.21 17.77
CA ASN A 614 -19.05 -1.65 17.53
C ASN A 614 -17.89 -2.35 18.21
N ILE A 615 -18.18 -3.34 19.07
CA ILE A 615 -17.08 -4.04 19.78
C ILE A 615 -16.74 -5.28 18.97
N ASN A 616 -15.47 -5.45 18.62
CA ASN A 616 -15.04 -6.66 17.87
C ASN A 616 -14.22 -7.51 18.82
N ILE A 617 -14.65 -8.74 19.11
CA ILE A 617 -13.95 -9.63 20.07
C ILE A 617 -13.43 -10.87 19.35
N CYS A 618 -12.13 -11.13 19.44
CA CYS A 618 -11.54 -12.33 18.82
C CYS A 618 -10.77 -13.07 19.92
N LYS A 619 -10.90 -14.39 20.02
CA LYS A 619 -10.19 -15.12 21.10
C LYS A 619 -9.19 -16.13 20.51
N ARG A 620 -7.92 -15.99 20.90
CA ARG A 620 -6.83 -16.90 20.46
C ARG A 620 -6.22 -17.51 21.73
N GLY A 621 -6.14 -18.84 21.82
CA GLY A 621 -5.63 -19.44 23.06
C GLY A 621 -6.49 -18.97 24.21
N ASN A 622 -5.86 -18.51 25.29
CA ASN A 622 -6.60 -17.97 26.45
C ASN A 622 -6.60 -16.45 26.35
N ASN A 623 -6.12 -15.92 25.22
CA ASN A 623 -6.01 -14.46 25.02
C ASN A 623 -7.12 -14.01 24.07
N PHE A 624 -7.79 -12.91 24.43
CA PHE A 624 -8.91 -12.36 23.61
C PHE A 624 -8.51 -10.97 23.08
N GLU A 625 -8.42 -10.83 21.76
CA GLU A 625 -8.05 -9.54 21.12
C GLU A 625 -9.33 -8.73 20.83
N VAL A 626 -9.66 -7.80 21.73
CA VAL A 626 -10.88 -6.95 21.56
C VAL A 626 -10.51 -5.70 20.75
N THR A 627 -11.30 -5.37 19.73
CA THR A 627 -11.04 -4.18 18.87
C THR A 627 -12.34 -3.39 18.69
N LEU A 628 -12.39 -2.17 19.23
CA LEU A 628 -13.60 -1.31 19.12
C LEU A 628 -13.30 -0.15 18.14
N ALA A 629 -14.25 0.13 17.25
CA ALA A 629 -14.09 1.23 16.26
C ALA A 629 -15.46 1.81 15.90
N THR A 630 -15.51 3.09 15.52
CA THR A 630 -16.78 3.76 15.14
C THR A 630 -16.69 4.23 13.68
N LYS A 631 -17.84 4.30 13.00
CA LYS A 631 -17.89 4.75 11.58
C LYS A 631 -17.91 6.28 11.54
N VAL A 632 -17.27 6.88 10.53
CA VAL A 632 -17.22 8.36 10.38
C VAL A 632 -17.79 8.73 9.01
N LYS A 633 -18.67 9.74 8.97
CA LYS A 633 -19.30 10.19 7.70
C LYS A 633 -19.14 11.71 7.57
N LYS A 634 -18.94 12.19 6.34
CA LYS A 634 -18.77 13.66 6.09
C LYS A 634 -18.95 13.93 4.59
N LYS A 635 -19.92 14.77 4.24
CA LYS A 635 -20.20 15.12 2.82
C LYS A 635 -18.90 15.64 2.17
N LYS A 636 -18.59 15.15 0.96
CA LYS A 636 -17.34 15.54 0.25
C LYS A 636 -17.32 17.03 -0.09
N GLU A 637 -16.15 17.66 0.08
CA GLU A 637 -15.94 19.09 -0.26
C GLU A 637 -15.52 19.17 -1.72
N LYS A 638 -16.50 19.03 -2.63
CA LYS A 638 -16.29 19.00 -4.10
C LYS A 638 -15.71 20.30 -4.65
N ASN A 639 -16.17 21.45 -4.15
CA ASN A 639 -15.68 22.78 -4.62
C ASN A 639 -14.45 23.19 -3.80
N TYR A 640 -13.25 22.83 -4.27
CA TYR A 640 -11.99 23.17 -3.56
C TYR A 640 -11.38 24.42 -4.20
N LYS A 641 -10.70 25.24 -3.39
CA LYS A 641 -10.06 26.49 -3.88
C LYS A 641 -8.54 26.40 -3.64
N VAL A 642 -8.07 25.27 -3.12
CA VAL A 642 -6.62 25.06 -2.83
C VAL A 642 -6.25 23.61 -3.16
N VAL A 643 -5.20 23.42 -3.96
CA VAL A 643 -4.74 22.05 -4.34
C VAL A 643 -3.33 21.82 -3.76
N LEU A 644 -3.18 20.78 -2.93
CA LEU A 644 -1.87 20.46 -2.30
C LEU A 644 -1.31 19.17 -2.90
N GLY A 645 -0.11 19.23 -3.47
CA GLY A 645 0.54 18.05 -4.07
C GLY A 645 1.78 17.69 -3.28
N TYR A 646 2.01 16.40 -3.05
CA TYR A 646 3.15 15.98 -2.21
C TYR A 646 4.01 15.00 -2.99
N ASP A 647 5.27 14.83 -2.60
CA ASP A 647 6.14 13.88 -3.33
C ASP A 647 6.83 12.96 -2.32
N ALA A 648 6.22 11.83 -1.98
CA ALA A 648 6.85 10.90 -1.03
C ALA A 648 7.81 10.01 -1.82
N ASN A 649 8.93 10.56 -2.26
CA ASN A 649 9.90 9.80 -3.07
C ASN A 649 10.95 9.18 -2.16
N ILE A 650 11.14 7.87 -2.24
CA ILE A 650 12.15 7.20 -1.40
C ILE A 650 13.54 7.72 -1.78
N VAL A 651 13.82 7.84 -3.08
CA VAL A 651 15.16 8.30 -3.57
C VAL A 651 15.46 9.77 -3.23
N ARG A 652 14.50 10.67 -3.44
CA ARG A 652 14.75 12.11 -3.21
C ARG A 652 14.05 12.58 -1.94
N LYS A 653 14.43 13.78 -1.46
CA LYS A 653 13.84 14.36 -0.24
C LYS A 653 12.36 14.66 -0.49
N ASN A 654 11.52 14.44 0.52
CA ASN A 654 10.06 14.70 0.40
C ASN A 654 9.82 16.21 0.33
N THR A 655 8.88 16.64 -0.52
CA THR A 655 8.56 18.09 -0.68
C THR A 655 7.04 18.27 -0.78
N TYR A 656 6.51 19.32 -0.14
CA TYR A 656 5.06 19.62 -0.17
C TYR A 656 4.81 20.96 -0.86
N ALA A 657 3.83 21.01 -1.75
CA ALA A 657 3.49 22.25 -2.50
C ALA A 657 1.97 22.43 -2.55
N ALA A 658 1.50 23.65 -2.30
CA ALA A 658 0.05 23.96 -2.30
C ALA A 658 -0.22 25.08 -3.32
N ILE A 659 -1.17 24.85 -4.24
CA ILE A 659 -1.51 25.87 -5.28
C ILE A 659 -2.96 26.34 -5.04
N GLU A 660 -3.16 27.66 -5.01
CA GLU A 660 -4.51 28.25 -4.80
C GLU A 660 -5.28 28.12 -6.11
N ALA A 661 -6.54 27.70 -6.03
CA ALA A 661 -7.40 27.50 -7.22
C ALA A 661 -8.32 28.70 -7.36
N HIS A 662 -8.63 29.10 -8.60
CA HIS A 662 -9.50 30.28 -8.79
C HIS A 662 -8.88 31.45 -8.05
N ALA A 663 -7.55 31.52 -8.11
CA ALA A 663 -6.79 32.56 -7.39
C ALA A 663 -7.14 33.93 -7.94
N ASN A 664 -7.25 34.91 -7.04
CA ASN A 664 -7.47 36.33 -7.43
C ASN A 664 -6.48 37.14 -6.57
N GLY A 665 -5.56 37.89 -7.19
CA GLY A 665 -4.63 38.66 -6.35
C GLY A 665 -3.49 39.23 -7.15
N ASP A 666 -2.49 39.79 -6.45
CA ASP A 666 -1.34 40.43 -7.11
C ASP A 666 -0.57 39.38 -7.93
N GLY A 667 -0.28 38.22 -7.36
CA GLY A 667 0.44 37.21 -8.14
C GLY A 667 -0.52 36.14 -8.63
N VAL A 668 -0.83 36.16 -9.93
CA VAL A 668 -1.78 35.17 -10.52
C VAL A 668 -1.18 34.61 -11.81
N ILE A 669 -1.36 33.31 -12.06
CA ILE A 669 -0.85 32.71 -13.32
C ILE A 669 -2.06 32.07 -14.01
N ASP A 670 -2.28 32.33 -15.29
CA ASP A 670 -3.43 31.70 -15.98
C ASP A 670 -2.94 30.37 -16.56
N TYR A 671 -3.44 29.26 -16.04
CA TYR A 671 -3.01 27.95 -16.57
C TYR A 671 -4.11 27.43 -17.49
N ASN A 672 -3.89 27.50 -18.79
CA ASN A 672 -4.89 26.99 -19.77
C ASN A 672 -6.25 27.64 -19.48
N ASP A 673 -6.26 28.96 -19.42
CA ASP A 673 -7.53 29.70 -19.18
C ASP A 673 -8.08 29.31 -17.82
N LEU A 674 -7.20 28.83 -16.94
CA LEU A 674 -7.57 28.53 -15.53
C LEU A 674 -6.62 29.39 -14.69
N PRO A 675 -7.11 30.17 -13.70
CA PRO A 675 -6.25 31.04 -12.93
C PRO A 675 -6.00 30.59 -11.50
N VAL A 676 -4.72 30.58 -11.12
CA VAL A 676 -4.27 30.16 -9.77
C VAL A 676 -2.91 30.81 -9.48
N LYS A 677 -2.50 30.74 -8.22
CA LYS A 677 -1.18 31.25 -7.73
C LYS A 677 -0.62 30.23 -6.75
N PRO A 678 0.70 30.11 -6.55
CA PRO A 678 1.25 29.11 -5.64
C PRO A 678 1.24 29.69 -4.23
N ILE A 679 0.41 29.12 -3.36
CA ILE A 679 0.29 29.63 -1.97
C ILE A 679 1.61 29.45 -1.23
N GLU A 680 2.12 28.23 -1.14
CA GLU A 680 3.39 28.01 -0.41
C GLU A 680 4.01 26.69 -0.87
N SER A 681 5.30 26.49 -0.56
CA SER A 681 6.01 25.24 -0.92
C SER A 681 7.05 24.96 0.15
N GLY A 682 7.13 23.73 0.65
CA GLY A 682 8.11 23.43 1.70
C GLY A 682 8.44 21.96 1.81
N PHE A 683 9.63 21.66 2.31
CA PHE A 683 10.08 20.26 2.50
C PHE A 683 9.33 19.65 3.68
N VAL A 684 8.92 18.40 3.56
CA VAL A 684 8.21 17.77 4.71
C VAL A 684 9.28 17.38 5.71
N THR A 685 9.25 17.99 6.91
CA THR A 685 10.26 17.70 7.96
C THR A 685 9.56 17.16 9.21
N VAL A 686 10.18 16.17 9.87
CA VAL A 686 9.61 15.56 11.12
C VAL A 686 10.67 15.67 12.23
N GLU A 687 10.85 16.87 12.78
CA GLU A 687 11.84 17.11 13.85
C GLU A 687 11.40 16.39 15.13
N SER A 688 12.38 15.93 15.93
CA SER A 688 12.09 15.21 17.21
C SER A 688 12.79 15.93 18.37
N GLN A 689 12.00 16.46 19.32
CA GLN A 689 12.55 17.19 20.49
C GLN A 689 13.63 16.34 21.16
N VAL A 690 14.87 16.84 21.19
CA VAL A 690 16.02 16.12 21.81
C VAL A 690 17.04 17.14 22.32
N ARG A 691 17.06 17.37 23.64
CA ARG A 691 18.01 18.33 24.26
C ARG A 691 17.92 19.68 23.52
N ASP A 692 16.70 20.20 23.36
CA ASP A 692 16.48 21.50 22.68
C ASP A 692 17.21 21.49 21.33
N LYS A 693 16.90 20.49 20.48
CA LYS A 693 17.54 20.38 19.14
C LYS A 693 16.63 19.55 18.22
N SER A 694 16.14 20.16 17.14
CA SER A 694 15.25 19.47 16.17
C SER A 694 16.03 18.37 15.44
N TYR A 695 15.55 17.13 15.53
CA TYR A 695 16.23 15.97 14.86
C TYR A 695 15.27 15.35 13.84
N ASP A 696 15.36 15.80 12.59
CA ASP A 696 14.49 15.29 11.50
C ASP A 696 14.69 13.77 11.37
N GLN A 697 13.60 13.00 11.45
CA GLN A 697 13.67 11.52 11.36
C GLN A 697 14.05 11.09 9.94
N LEU A 698 13.57 11.82 8.93
CA LEU A 698 13.86 11.49 7.51
C LEU A 698 15.15 12.19 7.11
N SER A 699 15.49 13.28 7.78
CA SER A 699 16.72 14.01 7.39
C SER A 699 17.94 13.46 8.13
N TYR A 700 17.84 13.19 9.43
CA TYR A 700 19.12 12.75 10.06
C TYR A 700 19.76 11.59 9.31
N ASN A 701 21.09 11.51 9.38
CA ASN A 701 21.86 10.43 8.70
C ASN A 701 22.98 9.94 9.63
N GLY A 702 22.89 10.28 10.92
CA GLY A 702 23.91 9.87 11.91
C GLY A 702 24.61 11.08 12.50
N VAL A 703 25.39 10.85 13.58
CA VAL A 703 26.14 11.96 14.25
C VAL A 703 27.51 12.11 13.59
N LYS A 704 28.30 13.10 14.03
CA LYS A 704 29.65 13.35 13.47
C LYS A 704 30.60 12.23 13.92
N LEU A 705 31.54 11.84 13.06
CA LEU A 705 32.51 10.77 13.38
C LEU A 705 33.46 11.28 14.48
N LEU A 706 33.30 12.53 14.91
CA LEU A 706 34.15 13.13 15.96
C LEU A 706 33.81 12.50 17.31
N TYR A 707 32.51 12.30 17.58
CA TYR A 707 32.05 11.69 18.85
C TYR A 707 31.86 10.17 18.65
N CYS A 708 32.18 9.68 17.45
CA CYS A 708 32.04 8.25 17.12
C CYS A 708 33.43 7.61 16.99
N LYS A 709 34.45 8.26 17.54
CA LYS A 709 35.85 7.74 17.48
C LYS A 709 36.05 6.37 18.13
N PRO A 710 35.51 6.09 19.33
CA PRO A 710 35.78 4.82 19.98
C PRO A 710 35.22 3.64 19.17
N HIS A 711 33.94 3.73 18.82
CA HIS A 711 33.33 2.63 18.05
C HIS A 711 34.02 2.54 16.69
N VAL A 712 34.31 3.68 16.09
CA VAL A 712 34.96 3.67 14.75
C VAL A 712 36.31 2.98 14.88
N GLU A 713 37.06 3.29 15.93
CA GLU A 713 38.40 2.69 16.02
C GLU A 713 38.27 1.17 16.06
N SER A 714 37.32 0.65 16.83
CA SER A 714 37.25 -0.82 16.97
C SER A 714 37.01 -1.44 15.61
N ARG A 715 36.02 -0.91 14.87
CA ARG A 715 35.70 -1.43 13.52
C ARG A 715 36.93 -1.27 12.61
N ARG A 716 37.69 -0.20 12.80
CA ARG A 716 38.90 0.07 11.98
C ARG A 716 39.96 -0.98 12.30
N SER A 717 40.09 -1.29 13.58
CA SER A 717 41.12 -2.25 14.05
C SER A 717 40.82 -3.60 13.39
N PHE A 718 39.54 -3.88 13.18
CA PHE A 718 39.11 -5.17 12.59
C PHE A 718 39.69 -5.31 11.18
N LEU A 719 39.66 -4.24 10.42
CA LEU A 719 40.09 -4.24 8.99
C LEU A 719 41.56 -4.58 8.81
N GLU A 720 42.41 -4.18 9.76
CA GLU A 720 43.87 -4.34 9.55
C GLU A 720 44.20 -5.81 9.27
N LYS A 721 43.54 -6.71 9.99
CA LYS A 721 43.83 -8.15 9.85
C LYS A 721 43.50 -8.61 8.43
N TYR A 722 42.50 -7.98 7.83
CA TYR A 722 41.97 -8.44 6.51
C TYR A 722 42.02 -7.36 5.43
N ARG A 723 43.10 -6.57 5.38
CA ARG A 723 43.24 -5.48 4.38
C ARG A 723 43.43 -6.07 2.98
N ASN A 724 43.92 -7.31 2.91
CA ASN A 724 44.18 -8.01 1.62
C ASN A 724 42.85 -8.38 0.95
N GLY A 725 42.64 -7.93 -0.29
CA GLY A 725 41.42 -8.23 -1.07
C GLY A 725 41.60 -8.02 -2.56
N THR A 726 40.74 -8.65 -3.38
CA THR A 726 40.83 -8.52 -4.85
C THR A 726 39.66 -7.66 -5.36
N LYS A 728 38.07 -5.05 -8.84
CA LYS A 728 37.89 -5.10 -10.32
C LYS A 728 38.11 -3.70 -10.90
N ASP A 729 38.98 -3.60 -11.91
CA ASP A 729 39.28 -2.29 -12.56
C ASP A 729 38.03 -1.79 -13.28
N ASN A 730 37.79 -0.46 -13.22
CA ASN A 730 36.61 0.16 -13.86
C ASN A 730 36.48 -0.49 -15.25
N ARG A 731 37.60 -0.65 -15.94
CA ARG A 731 37.64 -1.25 -17.29
C ARG A 731 37.19 -2.71 -17.21
N GLY A 732 37.53 -3.40 -16.12
CA GLY A 732 37.11 -4.81 -15.99
C GLY A 732 38.22 -5.68 -15.42
N ASN A 733 39.47 -5.42 -15.78
CA ASN A 733 40.53 -6.29 -15.24
C ASN A 733 40.44 -6.17 -13.71
N ASN A 734 40.36 -7.29 -13.01
CA ASN A 734 40.28 -7.24 -11.52
C ASN A 734 41.61 -6.72 -11.00
N ILE A 735 41.56 -5.86 -9.97
CA ILE A 735 42.80 -5.30 -9.36
C ILE A 735 42.78 -5.61 -7.86
N GLN A 736 43.93 -5.92 -7.27
CA GLN A 736 43.99 -6.22 -5.82
C GLN A 736 44.37 -4.93 -5.09
N ILE A 737 43.67 -4.59 -4.01
CA ILE A 737 43.98 -3.33 -3.27
C ILE A 737 43.73 -3.52 -1.77
N ASP A 738 44.36 -2.67 -0.96
CA ASP A 738 44.20 -2.72 0.52
C ASP A 738 42.82 -2.17 0.84
N PHE A 739 42.05 -2.89 1.65
CA PHE A 739 40.68 -2.44 2.00
C PHE A 739 40.75 -1.14 2.80
N LYS A 741 42.48 1.53 2.57
CA LYS A 741 42.55 2.85 1.93
C LYS A 741 41.12 3.35 1.76
N ASP A 742 40.24 2.50 1.25
CA ASP A 742 38.84 2.96 1.11
C ASP A 742 38.32 3.26 2.51
N PHE A 743 38.64 2.41 3.49
CA PHE A 743 38.11 2.62 4.85
C PHE A 743 38.57 3.97 5.40
N GLU A 744 39.82 4.32 5.14
CA GLU A 744 40.36 5.58 5.70
C GLU A 744 39.52 6.75 5.19
N ALA A 745 39.28 6.79 3.88
CA ALA A 745 38.55 7.91 3.28
C ALA A 745 37.18 7.95 3.93
N ILE A 746 36.69 6.75 4.22
CA ILE A 746 35.36 6.52 4.85
C ILE A 746 35.37 7.07 6.28
N ALA A 747 36.45 6.85 7.03
CA ALA A 747 36.45 7.28 8.44
C ALA A 747 36.95 8.72 8.60
N ASP A 748 36.02 9.68 8.60
CA ASP A 748 36.39 11.09 8.82
C ASP A 748 35.44 11.63 9.88
N ASP A 749 35.89 12.61 10.67
CA ASP A 749 35.03 13.19 11.72
C ASP A 749 33.83 13.85 11.07
N GLU A 750 34.04 14.49 9.92
CA GLU A 750 32.93 15.20 9.22
C GLU A 750 31.86 14.20 8.78
N THR A 751 32.28 13.03 8.29
CA THR A 751 31.34 11.98 7.81
C THR A 751 30.40 11.58 8.96
N SER A 752 29.25 11.00 8.62
CA SER A 752 28.25 10.56 9.63
C SER A 752 28.51 9.10 10.02
N LEU A 753 28.04 8.69 11.20
CA LEU A 753 28.23 7.29 11.69
C LEU A 753 27.31 6.36 10.89
N TYR A 754 26.11 6.81 10.54
CA TYR A 754 25.14 6.00 9.76
C TYR A 754 25.72 5.67 8.38
N TYR A 755 26.07 6.72 7.62
CA TYR A 755 26.65 6.55 6.26
C TYR A 755 27.84 5.58 6.32
N PHE A 756 28.77 5.82 7.25
CA PHE A 756 29.97 4.97 7.41
C PHE A 756 29.55 3.54 7.76
N ASN A 757 28.54 3.39 8.61
CA ASN A 757 28.04 2.05 9.03
C ASN A 757 27.56 1.28 7.79
N LYS A 759 28.39 1.98 4.53
CA LYS A 759 29.59 1.81 3.65
C LYS A 759 30.53 0.78 4.27
N TYR A 760 30.50 0.62 5.60
CA TYR A 760 31.40 -0.36 6.26
C TYR A 760 30.95 -1.76 5.89
N CYS A 761 29.64 -2.01 6.00
CA CYS A 761 29.13 -3.36 5.71
C CYS A 761 29.46 -3.67 4.25
N LYS A 762 29.18 -2.71 3.35
CA LYS A 762 29.50 -2.89 1.91
C LYS A 762 30.98 -3.24 1.81
N LEU A 763 31.82 -2.51 2.53
CA LEU A 763 33.27 -2.79 2.56
C LEU A 763 33.46 -4.11 3.31
N LEU A 764 32.75 -4.29 4.41
CA LEU A 764 32.89 -5.56 5.15
C LEU A 764 32.44 -6.70 4.25
N GLN A 765 31.36 -6.46 3.50
CA GLN A 765 30.90 -7.52 2.57
C GLN A 765 32.11 -7.98 1.75
N SER A 766 32.72 -7.05 1.02
CA SER A 766 33.78 -7.41 0.05
C SER A 766 34.96 -8.09 0.73
N SER A 767 35.42 -7.59 1.86
CA SER A 767 36.64 -8.17 2.48
C SER A 767 36.36 -9.63 2.81
N ILE A 768 35.25 -9.90 3.48
CA ILE A 768 35.00 -11.32 3.85
C ILE A 768 34.93 -12.09 2.54
N ARG A 769 34.40 -11.48 1.48
CA ARG A 769 34.29 -12.15 0.15
C ARG A 769 35.68 -12.67 -0.29
N ASN A 770 36.72 -11.83 -0.18
CA ASN A 770 38.10 -12.18 -0.59
C ASN A 770 38.64 -13.29 0.32
N HIS A 771 37.94 -13.56 1.42
CA HIS A 771 38.39 -14.62 2.35
C HIS A 771 37.23 -15.54 2.71
N SER A 772 36.73 -16.31 1.74
CA SER A 772 35.61 -17.22 2.04
C SER A 772 36.08 -18.19 3.11
N SER A 773 37.38 -18.46 3.15
CA SER A 773 37.97 -19.41 4.13
C SER A 773 37.52 -19.03 5.55
N GLN A 774 37.78 -17.78 5.95
CA GLN A 774 37.39 -17.30 7.30
C GLN A 774 35.98 -16.70 7.24
N ALA A 775 34.98 -17.53 6.92
CA ALA A 775 33.57 -17.07 6.82
C ALA A 775 32.96 -17.02 8.22
N LYS A 776 33.53 -17.78 9.17
CA LYS A 776 33.03 -17.82 10.56
C LYS A 776 33.93 -16.96 11.45
N GLU A 777 34.91 -16.27 10.85
CA GLU A 777 35.85 -15.41 11.61
C GLU A 777 35.21 -14.03 11.81
N TYR A 778 34.18 -13.71 11.03
CA TYR A 778 33.48 -12.40 11.13
C TYR A 778 32.21 -12.56 11.96
N ARG A 779 32.10 -13.69 12.68
CA ARG A 779 30.91 -13.98 13.53
C ARG A 779 30.75 -12.85 14.56
N GLU A 780 31.74 -12.69 15.44
CA GLU A 780 31.70 -11.64 16.49
C GLU A 780 31.41 -10.25 15.92
N GLU A 781 32.33 -9.72 15.10
CA GLU A 781 32.27 -8.36 14.50
C GLU A 781 30.85 -8.00 14.06
N ILE A 782 30.25 -8.85 13.25
CA ILE A 782 28.86 -8.63 12.75
C ILE A 782 27.95 -8.28 13.92
N PHE A 783 27.88 -9.14 14.93
CA PHE A 783 26.99 -8.90 16.09
C PHE A 783 27.27 -7.52 16.67
N GLU A 784 28.54 -7.26 16.94
CA GLU A 784 28.96 -5.95 17.48
C GLU A 784 28.44 -4.87 16.55
N LEU A 785 28.74 -5.04 15.26
CA LEU A 785 28.34 -4.05 14.22
C LEU A 785 26.84 -3.79 14.24
N LEU A 786 26.01 -4.82 14.41
CA LEU A 786 24.54 -4.54 14.30
C LEU A 786 23.75 -4.95 15.54
N ARG A 787 24.37 -5.44 16.60
CA ARG A 787 23.53 -5.81 17.76
C ARG A 787 24.12 -5.25 19.06
N ASP A 788 25.13 -5.93 19.58
CA ASP A 788 25.77 -5.54 20.86
C ASP A 788 26.63 -4.27 20.69
N GLY A 789 27.05 -3.97 19.45
CA GLY A 789 27.85 -2.76 19.19
C GLY A 789 27.22 -1.51 19.78
N LYS A 790 28.07 -0.69 20.40
CA LYS A 790 27.72 0.60 21.05
C LYS A 790 26.69 1.35 20.21
N LEU A 791 27.04 1.69 18.97
CA LEU A 791 26.08 2.37 18.07
C LEU A 791 25.70 1.40 16.96
N SER A 792 25.10 0.27 17.33
CA SER A 792 24.66 -0.76 16.36
C SER A 792 23.54 -0.21 15.47
N VAL A 793 23.46 -0.70 14.23
CA VAL A 793 22.38 -0.28 13.29
C VAL A 793 21.04 -0.54 13.99
N LEU A 794 20.95 -1.66 14.73
CA LEU A 794 19.71 -1.98 15.47
C LEU A 794 19.52 -0.93 16.57
N LYS A 795 20.59 -0.67 17.34
CA LYS A 795 20.53 0.33 18.45
C LYS A 795 19.98 1.66 17.90
N LEU A 796 20.73 2.31 17.01
CA LEU A 796 20.30 3.60 16.42
C LEU A 796 19.79 3.36 14.99
N SER A 797 18.62 3.91 14.65
CA SER A 797 18.02 3.74 13.30
C SER A 797 17.32 5.03 12.87
N SER A 798 17.89 5.73 11.89
CA SER A 798 17.29 7.01 11.39
C SER A 798 16.22 6.69 10.34
N LEU A 799 15.44 7.69 9.92
CA LEU A 799 14.37 7.43 8.93
C LEU A 799 14.79 7.93 7.56
N SER A 800 16.02 8.43 7.43
CA SER A 800 16.47 8.96 6.13
C SER A 800 16.59 7.83 5.10
N ASN A 801 16.40 8.16 3.82
CA ASN A 801 16.53 7.17 2.72
C ASN A 801 17.81 6.37 2.93
N LEU A 802 18.95 7.07 3.05
CA LEU A 802 20.24 6.37 3.29
C LEU A 802 20.10 5.38 4.44
N SER A 803 19.47 5.77 5.56
CA SER A 803 19.34 4.82 6.69
C SER A 803 18.62 3.57 6.23
N PHE A 804 17.40 3.66 5.71
CA PHE A 804 16.85 2.33 5.40
C PHE A 804 17.90 1.52 4.65
N VAL A 805 18.79 2.25 3.98
CA VAL A 805 19.82 1.62 3.11
C VAL A 805 20.67 0.69 3.96
N PHE A 807 19.92 -1.08 6.48
CA PHE A 807 19.29 -2.38 6.75
C PHE A 807 19.40 -3.28 5.53
N LYS A 808 19.00 -2.79 4.36
CA LYS A 808 19.01 -3.69 3.19
C LYS A 808 20.45 -4.14 3.04
N VAL A 809 21.37 -3.18 3.05
CA VAL A 809 22.80 -3.55 2.91
C VAL A 809 23.11 -4.44 4.11
N ALA A 810 22.49 -4.13 5.23
CA ALA A 810 22.77 -4.95 6.42
C ALA A 810 22.37 -6.38 6.11
N LYS A 811 21.16 -6.57 5.59
CA LYS A 811 20.71 -7.96 5.38
C LYS A 811 21.66 -8.64 4.41
N SER A 812 22.10 -7.94 3.37
CA SER A 812 22.93 -8.62 2.36
C SER A 812 24.18 -9.16 3.06
N LEU A 813 24.75 -8.36 3.95
CA LEU A 813 26.02 -8.82 4.55
C LEU A 813 25.78 -10.12 5.31
N ILE A 814 24.77 -10.16 6.16
CA ILE A 814 24.55 -11.40 6.96
C ILE A 814 24.30 -12.53 5.97
N GLY A 815 23.41 -12.30 5.01
CA GLY A 815 23.11 -13.36 4.03
C GLY A 815 24.39 -13.70 3.32
N THR A 816 25.15 -12.66 2.94
CA THR A 816 26.44 -12.82 2.22
C THR A 816 27.39 -13.65 3.09
N TYR A 817 27.29 -13.49 4.42
CA TYR A 817 28.17 -14.27 5.33
C TYR A 817 27.86 -15.76 5.25
N PHE A 818 26.58 -16.13 5.29
CA PHE A 818 26.26 -17.56 5.29
C PHE A 818 26.77 -18.23 4.01
N GLY A 819 26.50 -17.61 2.86
CA GLY A 819 26.84 -18.31 1.61
C GLY A 819 28.30 -18.67 1.59
N HIS A 820 29.16 -17.68 1.84
CA HIS A 820 30.61 -17.95 1.87
C HIS A 820 30.89 -18.87 3.04
N LEU A 821 30.17 -18.70 4.15
CA LEU A 821 30.37 -19.52 5.37
C LEU A 821 29.88 -20.95 5.13
N LEU A 822 28.77 -21.11 4.41
CA LEU A 822 28.18 -22.45 4.14
C LEU A 822 28.46 -22.92 2.72
N LYS A 823 29.52 -23.70 2.51
CA LYS A 823 29.79 -24.21 1.14
C LYS A 823 30.78 -25.38 1.20
N LYS A 824 30.91 -26.12 0.09
CA LYS A 824 31.82 -27.29 0.03
C LYS A 824 33.20 -26.80 -0.43
N PRO A 825 34.31 -27.34 0.13
CA PRO A 825 35.66 -26.93 -0.27
C PRO A 825 35.85 -26.98 -1.79
N LYS A 826 35.64 -28.16 -2.39
CA LYS A 826 35.79 -28.34 -3.86
C LYS A 826 34.75 -27.47 -4.58
N ASN A 827 35.18 -26.76 -5.62
CA ASN A 827 34.28 -25.86 -6.40
C ASN A 827 33.95 -26.53 -7.75
N SER A 828 32.76 -26.23 -8.29
CA SER A 828 32.32 -26.80 -9.59
C SER A 828 32.50 -28.33 -9.58
N LYS A 829 31.78 -29.01 -8.68
CA LYS A 829 31.88 -30.49 -8.56
C LYS A 829 30.58 -31.03 -7.94
N SER A 830 30.36 -32.34 -8.04
CA SER A 830 29.14 -32.98 -7.47
C SER A 830 27.89 -32.27 -8.00
N ASP A 831 27.69 -32.28 -9.32
CA ASP A 831 26.53 -31.65 -9.99
C ASP A 831 26.47 -30.15 -9.65
N VAL A 832 27.37 -29.37 -10.26
CA VAL A 832 27.49 -27.88 -10.11
C VAL A 832 27.23 -27.46 -8.66
N LYS A 833 28.16 -27.78 -7.75
CA LYS A 833 28.05 -27.41 -6.32
C LYS A 833 26.71 -27.87 -5.76
N ALA A 834 26.07 -27.03 -4.95
CA ALA A 834 24.76 -27.37 -4.33
C ALA A 834 24.05 -26.09 -3.85
N PRO A 835 22.90 -26.21 -3.15
CA PRO A 835 22.16 -25.05 -2.64
C PRO A 835 22.61 -24.62 -1.23
N PRO A 836 21.95 -23.63 -0.62
CA PRO A 836 22.31 -23.12 0.70
C PRO A 836 21.38 -23.72 1.76
N ILE A 837 20.85 -24.92 1.48
CA ILE A 837 19.91 -25.65 2.37
C ILE A 837 18.86 -24.67 2.91
N THR A 838 18.16 -24.00 1.98
CA THR A 838 17.09 -23.02 2.29
C THR A 838 17.58 -22.07 3.38
N ASP A 839 16.77 -21.89 4.42
CA ASP A 839 17.15 -21.12 5.62
C ASP A 839 16.77 -22.03 6.79
N GLU A 840 15.63 -22.72 6.65
CA GLU A 840 15.10 -23.66 7.66
C GLU A 840 16.22 -24.56 8.17
N ASP A 841 16.91 -25.24 7.25
CA ASP A 841 18.03 -26.13 7.65
C ASP A 841 19.34 -25.36 7.50
N LYS A 842 19.27 -24.08 7.11
CA LYS A 842 20.50 -23.28 6.95
C LYS A 842 20.76 -22.49 8.24
N GLN A 843 19.73 -22.32 9.06
CA GLN A 843 19.86 -21.57 10.32
C GLN A 843 20.64 -22.44 11.31
N LYS A 844 20.41 -23.75 11.26
CA LYS A 844 21.14 -24.63 12.21
C LYS A 844 22.61 -24.22 12.35
N ALA A 845 23.22 -23.69 11.30
CA ALA A 845 24.65 -23.33 11.41
C ALA A 845 24.84 -22.29 12.51
N ASP A 846 23.97 -21.29 12.58
CA ASP A 846 24.11 -20.27 13.65
C ASP A 846 22.74 -19.68 13.96
N PRO A 847 22.01 -20.24 14.93
CA PRO A 847 20.67 -19.74 15.26
C PRO A 847 20.73 -18.26 15.61
N GLU A 848 21.70 -17.86 16.44
CA GLU A 848 21.84 -16.46 16.86
C GLU A 848 21.86 -15.56 15.62
N PHE A 850 20.97 -16.20 12.56
CA PHE A 850 19.65 -16.25 11.90
C PHE A 850 18.65 -15.41 12.69
N ALA A 851 18.61 -15.62 14.01
CA ALA A 851 17.70 -14.89 14.92
C ALA A 851 17.87 -13.38 14.71
N LEU A 852 19.10 -12.91 14.69
CA LEU A 852 19.41 -11.48 14.47
C LEU A 852 18.68 -10.98 13.22
N ARG A 853 18.79 -11.70 12.11
CA ARG A 853 18.14 -11.26 10.85
C ARG A 853 16.65 -11.03 11.11
N LEU A 854 15.98 -11.99 11.73
CA LEU A 854 14.54 -11.86 12.03
C LEU A 854 14.34 -10.57 12.80
N ALA A 855 15.09 -10.41 13.89
CA ALA A 855 14.98 -9.20 14.72
C ALA A 855 15.25 -7.98 13.83
N LEU A 856 16.33 -8.04 13.04
CA LEU A 856 16.68 -6.92 12.14
C LEU A 856 15.47 -6.63 11.24
N GLU A 857 14.91 -7.65 10.62
CA GLU A 857 13.76 -7.42 9.74
C GLU A 857 12.64 -6.79 10.58
N GLU A 858 12.28 -7.48 11.66
CA GLU A 858 11.18 -7.11 12.59
C GLU A 858 11.11 -5.60 12.79
N LYS A 859 12.22 -5.00 13.22
CA LYS A 859 12.29 -3.53 13.45
C LYS A 859 12.09 -2.80 12.11
N ARG A 860 12.69 -3.31 11.03
CA ARG A 860 12.55 -2.65 9.71
C ARG A 860 11.07 -2.50 9.38
N LEU A 861 10.30 -3.58 9.53
CA LEU A 861 8.88 -3.46 9.14
C LEU A 861 8.24 -2.38 10.00
N ASN A 862 8.44 -2.45 11.31
CA ASN A 862 7.83 -1.44 12.19
C ASN A 862 8.45 -0.11 11.78
N LYS A 863 9.76 -0.11 11.56
CA LYS A 863 10.50 1.13 11.14
C LYS A 863 9.87 1.65 9.84
N VAL A 864 9.47 0.74 8.94
CA VAL A 864 8.85 1.17 7.65
C VAL A 864 7.47 1.77 7.93
N LYS A 865 6.70 1.13 8.80
CA LYS A 865 5.33 1.64 9.10
C LYS A 865 5.44 3.10 9.53
N SER A 866 6.31 3.36 10.53
CA SER A 866 6.52 4.70 11.13
C SER A 866 6.58 5.77 10.04
N LYS A 867 7.46 5.60 9.06
CA LYS A 867 7.62 6.60 7.97
C LYS A 867 6.27 6.88 7.33
N LYS A 868 5.54 5.83 6.96
CA LYS A 868 4.24 6.01 6.30
C LYS A 868 3.29 6.82 7.19
N GLU A 869 2.93 6.29 8.36
CA GLU A 869 1.95 7.00 9.25
C GLU A 869 2.46 8.41 9.52
N VAL A 870 3.75 8.55 9.79
CA VAL A 870 4.25 9.91 10.17
C VAL A 870 4.11 10.85 8.98
N ILE A 871 4.48 10.42 7.79
CA ILE A 871 4.42 11.38 6.65
C ILE A 871 2.98 11.85 6.50
N ALA A 872 2.03 10.95 6.69
CA ALA A 872 0.62 11.34 6.49
C ALA A 872 0.26 12.45 7.47
N ASN A 873 0.68 12.31 8.73
CA ASN A 873 0.21 13.32 9.73
C ASN A 873 0.68 14.67 9.20
N LYS A 874 1.96 14.78 8.89
CA LYS A 874 2.47 16.10 8.44
C LYS A 874 1.76 16.51 7.16
N ILE A 875 1.60 15.58 6.21
CA ILE A 875 0.97 16.03 4.94
C ILE A 875 -0.44 16.49 5.27
N VAL A 876 -1.16 15.66 6.00
CA VAL A 876 -2.56 16.00 6.37
C VAL A 876 -2.54 17.37 7.01
N ALA A 877 -1.84 17.50 8.14
CA ALA A 877 -1.74 18.75 8.93
C ALA A 877 -1.57 19.96 8.01
N LYS A 878 -0.46 20.02 7.28
CA LYS A 878 -0.25 21.18 6.39
C LYS A 878 -1.44 21.23 5.45
N ALA A 879 -1.87 20.05 5.00
CA ALA A 879 -3.04 20.02 4.11
C ALA A 879 -4.19 20.62 4.91
N LEU A 880 -4.41 20.08 6.10
CA LEU A 880 -5.51 20.56 6.95
C LEU A 880 -5.33 22.05 7.22
N GLU A 881 -4.11 22.46 7.57
CA GLU A 881 -3.83 23.89 7.88
C GLU A 881 -4.32 24.76 6.74
N LEU A 882 -3.93 24.43 5.52
CA LEU A 882 -4.35 25.19 4.32
C LEU A 882 -5.87 25.31 4.29
N ARG A 883 -6.59 24.21 4.50
CA ARG A 883 -8.07 24.24 4.43
C ARG A 883 -8.60 25.32 5.38
N ASP A 884 -8.13 25.30 6.62
CA ASP A 884 -8.63 26.29 7.62
C ASP A 884 -8.40 27.72 7.13
N LYS A 885 -7.25 28.03 6.52
CA LYS A 885 -7.02 29.42 6.08
C LYS A 885 -7.59 29.66 4.68
N TYR A 886 -7.49 28.70 3.75
CA TYR A 886 -8.00 29.01 2.40
C TYR A 886 -9.37 28.39 2.11
N GLY A 887 -9.50 27.07 2.26
CA GLY A 887 -10.78 26.43 1.95
C GLY A 887 -10.61 24.94 1.74
N PRO A 888 -11.57 24.23 1.10
CA PRO A 888 -11.44 22.81 0.88
C PRO A 888 -10.25 22.65 -0.07
N VAL A 889 -9.41 21.64 0.14
CA VAL A 889 -8.21 21.46 -0.73
C VAL A 889 -8.12 20.00 -1.20
N LEU A 890 -7.47 19.78 -2.34
CA LEU A 890 -7.27 18.43 -2.93
C LEU A 890 -5.81 18.05 -2.75
N ILE A 891 -5.53 16.80 -2.42
CA ILE A 891 -4.11 16.37 -2.26
C ILE A 891 -3.73 15.56 -3.50
N LYS A 892 -3.00 16.17 -4.44
CA LYS A 892 -2.52 15.46 -5.65
C LYS A 892 -1.36 14.56 -5.22
N GLY A 893 -1.48 13.25 -5.45
CA GLY A 893 -0.42 12.31 -5.02
C GLY A 893 0.07 11.45 -6.17
N GLU A 894 1.36 11.12 -6.21
CA GLU A 894 1.87 10.29 -7.33
C GLU A 894 1.74 8.79 -7.00
N ASN A 895 0.61 8.16 -7.37
CA ASN A 895 0.47 6.70 -7.12
C ASN A 895 -0.46 6.13 -8.20
N ILE A 896 -0.28 4.85 -8.52
CA ILE A 896 -1.11 4.19 -9.57
C ILE A 896 -2.16 3.35 -8.85
N SER A 897 -3.33 3.93 -8.62
CA SER A 897 -4.40 3.24 -7.85
C SER A 897 -5.00 2.14 -8.71
N ASP A 898 -5.79 1.24 -8.12
CA ASP A 898 -6.40 0.20 -8.98
C ASP A 898 -7.49 0.93 -9.75
N THR A 899 -7.07 2.01 -10.42
CA THR A 899 -7.90 2.87 -11.31
C THR A 899 -8.03 2.18 -12.68
N THR A 900 -8.98 2.69 -13.47
CA THR A 900 -9.28 2.15 -14.82
C THR A 900 -8.30 2.78 -15.79
N LYS A 901 -7.30 2.01 -16.20
CA LYS A 901 -6.30 2.48 -17.19
C LYS A 901 -6.56 1.75 -18.50
N LYS A 902 -7.79 1.27 -18.68
CA LYS A 902 -8.16 0.52 -19.91
C LYS A 902 -7.90 1.47 -21.08
N GLY A 903 -7.25 0.95 -22.13
CA GLY A 903 -6.91 1.78 -23.31
C GLY A 903 -5.42 1.89 -23.46
N LYS A 904 -4.84 3.06 -23.17
CA LYS A 904 -3.37 3.25 -23.31
C LYS A 904 -2.70 3.49 -21.95
N LYS A 905 -1.70 2.67 -21.63
CA LYS A 905 -0.93 2.78 -20.35
C LYS A 905 0.57 2.87 -20.69
N SER A 906 1.30 3.67 -19.92
CA SER A 906 2.77 3.86 -20.14
C SER A 906 3.59 3.14 -19.06
N SER A 907 4.46 2.23 -19.52
CA SER A 907 5.32 1.37 -18.68
C SER A 907 6.34 2.19 -17.88
N THR A 908 6.85 3.28 -18.45
CA THR A 908 7.84 4.14 -17.75
C THR A 908 7.17 4.67 -16.48
N ASN A 909 5.92 5.12 -16.62
CA ASN A 909 5.13 5.64 -15.47
C ASN A 909 4.51 4.44 -14.77
N SER A 910 4.67 3.25 -15.36
CA SER A 910 4.12 2.01 -14.74
C SER A 910 4.76 1.79 -13.37
N PHE A 911 6.09 1.87 -13.26
CA PHE A 911 6.66 1.58 -11.92
C PHE A 911 7.69 2.63 -11.50
N LEU A 912 7.20 3.76 -10.98
CA LEU A 912 8.11 4.87 -10.57
C LEU A 912 7.88 5.22 -9.10
N ASP A 914 7.80 3.42 -5.15
CA ASP A 914 8.04 2.24 -4.27
C ASP A 914 7.14 2.36 -3.05
N TRP A 915 7.24 1.39 -2.13
CA TRP A 915 6.40 1.25 -0.89
C TRP A 915 6.04 2.60 -0.27
N LEU A 916 7.03 3.45 -0.01
CA LEU A 916 6.84 4.79 0.57
C LEU A 916 5.77 5.51 -0.24
N ALA A 917 6.03 5.70 -1.54
CA ALA A 917 5.10 6.42 -2.42
C ALA A 917 3.71 5.79 -2.33
N ARG A 918 3.64 4.47 -2.45
CA ARG A 918 2.32 3.79 -2.41
C ARG A 918 1.71 3.98 -1.03
N GLY A 919 2.34 3.38 -0.02
CA GLY A 919 1.87 3.41 1.38
C GLY A 919 1.36 4.77 1.80
N VAL A 920 2.17 5.80 1.62
CA VAL A 920 1.78 7.17 2.03
C VAL A 920 0.45 7.52 1.36
N ALA A 921 0.45 7.48 0.02
CA ALA A 921 -0.75 7.81 -0.78
C ALA A 921 -1.93 7.02 -0.25
N ASN A 922 -1.78 5.71 -0.14
CA ASN A 922 -2.90 4.89 0.38
C ASN A 922 -3.24 5.36 1.79
N LYS A 923 -2.24 5.55 2.63
CA LYS A 923 -2.52 5.98 4.02
C LYS A 923 -3.29 7.29 3.99
N VAL A 924 -2.75 8.28 3.28
CA VAL A 924 -3.41 9.62 3.19
C VAL A 924 -4.85 9.43 2.77
N LYS A 925 -5.03 8.71 1.66
CA LYS A 925 -6.38 8.42 1.11
C LYS A 925 -7.22 7.84 2.26
N GLU A 926 -6.58 7.03 3.10
CA GLU A 926 -7.33 6.46 4.24
C GLU A 926 -7.57 7.59 5.25
N VAL A 928 -7.73 10.80 4.85
CA VAL A 928 -8.58 11.93 4.35
C VAL A 928 -10.04 11.69 4.71
N HIS A 931 -11.59 13.81 7.74
CA HIS A 931 -12.00 15.24 7.81
C HIS A 931 -12.68 15.77 6.56
N GLN A 932 -13.53 16.79 6.77
CA GLN A 932 -14.34 17.51 5.75
C GLN A 932 -13.45 18.49 4.99
N GLY A 933 -13.71 18.70 3.70
CA GLY A 933 -12.90 19.64 2.90
C GLY A 933 -11.61 19.00 2.45
N LEU A 934 -11.47 17.69 2.65
CA LEU A 934 -10.24 17.01 2.20
C LEU A 934 -10.59 15.95 1.16
N GLU A 935 -9.83 15.91 0.07
CA GLU A 935 -10.02 14.93 -1.05
C GLU A 935 -8.63 14.43 -1.48
N PHE A 936 -8.52 13.15 -1.83
CA PHE A 936 -7.23 12.56 -2.26
C PHE A 936 -7.38 11.99 -3.68
N VAL A 937 -6.49 12.36 -4.60
CA VAL A 937 -6.60 11.85 -6.00
C VAL A 937 -5.29 11.19 -6.42
N GLU A 938 -5.34 9.90 -6.78
CA GLU A 938 -4.13 9.18 -7.24
C GLU A 938 -3.76 9.68 -8.64
N VAL A 939 -2.49 9.58 -9.03
CA VAL A 939 -2.10 10.06 -10.39
C VAL A 939 -0.90 9.26 -10.87
N ASN A 940 -0.98 8.78 -12.10
CA ASN A 940 0.10 7.98 -12.73
C ASN A 940 1.43 8.70 -12.54
N PRO A 941 2.48 8.04 -12.01
CA PRO A 941 3.76 8.68 -11.80
C PRO A 941 4.36 9.11 -13.15
N ASN A 942 4.99 10.28 -13.20
CA ASN A 942 5.61 10.80 -14.44
C ASN A 942 7.11 11.03 -14.22
N PHE A 943 7.80 11.52 -15.24
CA PHE A 943 9.27 11.78 -15.15
C PHE A 943 9.50 13.28 -14.92
N THR A 944 8.54 13.94 -14.26
CA THR A 944 8.65 15.40 -13.97
C THR A 944 9.90 15.66 -13.13
N SER A 945 11.04 15.90 -13.78
CA SER A 945 12.32 16.18 -13.08
C SER A 945 12.92 17.49 -13.60
N HIS A 946 12.45 17.96 -14.76
CA HIS A 946 12.96 19.21 -15.37
C HIS A 946 11.76 20.10 -15.76
N GLN A 947 10.58 19.82 -15.20
CA GLN A 947 9.36 20.61 -15.50
C GLN A 947 9.49 22.00 -14.88
N ASP A 948 8.84 23.01 -15.49
CA ASP A 948 8.89 24.40 -14.98
C ASP A 948 7.55 24.77 -14.34
N PRO A 949 7.52 25.36 -13.13
CA PRO A 949 6.28 25.74 -12.46
C PRO A 949 5.38 26.61 -13.36
N PHE A 950 4.07 26.31 -13.38
CA PHE A 950 3.11 27.08 -14.21
C PHE A 950 3.73 27.41 -15.56
N VAL A 951 4.54 26.49 -16.09
CA VAL A 951 5.22 26.69 -17.41
C VAL A 951 4.99 25.45 -18.28
N HIS A 952 4.99 24.27 -17.66
CA HIS A 952 4.78 22.99 -18.41
C HIS A 952 3.32 22.93 -18.89
N LYS A 953 3.12 22.45 -20.12
CA LYS A 953 1.79 22.30 -20.77
C LYS A 953 0.93 23.54 -20.50
N ASN A 954 1.45 24.73 -20.82
CA ASN A 954 0.71 26.00 -20.61
C ASN A 954 1.39 27.12 -21.41
N PRO A 955 0.93 27.44 -22.64
CA PRO A 955 0.01 26.56 -23.38
C PRO A 955 0.75 25.37 -24.01
N GLU A 956 2.08 25.49 -24.17
CA GLU A 956 2.90 24.42 -24.77
C GLU A 956 3.79 23.80 -23.68
N ASN A 957 4.52 22.74 -24.03
CA ASN A 957 5.42 22.05 -23.08
C ASN A 957 6.80 22.71 -23.10
N THR A 958 7.36 23.01 -21.93
CA THR A 958 8.68 23.65 -21.82
C THR A 958 9.58 22.86 -20.87
N PHE A 959 10.64 22.24 -21.41
CA PHE A 959 11.58 21.43 -20.58
C PHE A 959 12.86 22.23 -20.33
N ARG A 960 13.52 21.98 -19.20
CA ARG A 960 14.77 22.69 -18.84
C ARG A 960 15.79 21.67 -18.28
N ALA A 961 16.98 22.14 -17.92
CA ALA A 961 18.04 21.27 -17.38
C ALA A 961 18.19 21.50 -15.87
N ARG A 962 18.85 20.54 -15.20
CA ARG A 962 19.13 20.55 -13.75
C ARG A 962 20.51 21.18 -13.55
N TYR A 963 20.54 22.41 -13.06
CA TYR A 963 21.82 23.10 -12.82
C TYR A 963 22.20 22.93 -11.36
N SER A 964 23.46 23.19 -11.04
CA SER A 964 23.95 23.07 -9.64
C SER A 964 24.91 24.22 -9.36
N ARG A 965 24.72 24.90 -8.22
CA ARG A 965 25.59 26.04 -7.83
C ARG A 965 26.74 25.53 -6.95
N CYS A 966 27.88 26.22 -7.01
CA CYS A 966 29.08 25.81 -6.21
C CYS A 966 30.18 26.86 -6.37
N THR A 967 31.12 26.91 -5.43
CA THR A 967 32.24 27.89 -5.47
C THR A 967 33.21 27.50 -6.59
N PRO A 968 33.94 28.45 -7.21
CA PRO A 968 34.88 28.14 -8.28
C PRO A 968 36.03 27.35 -7.67
N SER A 969 36.21 27.54 -6.37
CA SER A 969 37.32 26.92 -5.62
C SER A 969 37.28 25.40 -5.73
N GLU A 970 36.10 24.80 -5.60
CA GLU A 970 36.02 23.33 -5.64
C GLU A 970 35.17 22.88 -6.84
N LEU A 971 35.80 22.78 -8.01
CA LEU A 971 35.09 22.30 -9.23
C LEU A 971 35.89 21.14 -9.80
N THR A 972 35.41 19.91 -9.61
CA THR A 972 36.14 18.69 -10.05
C THR A 972 36.19 18.57 -11.57
N GLU A 973 37.11 17.71 -12.03
CA GLU A 973 37.25 17.43 -13.48
C GLU A 973 35.94 16.85 -14.00
N LYS A 974 35.31 15.95 -13.22
CA LYS A 974 34.00 15.35 -13.58
C LYS A 974 33.06 16.48 -14.03
N ASN A 975 32.87 17.48 -13.18
CA ASN A 975 32.00 18.63 -13.54
C ASN A 975 32.56 19.29 -14.80
N ARG A 976 33.88 19.50 -14.83
CA ARG A 976 34.56 20.13 -16.00
C ARG A 976 34.27 19.33 -17.28
N LYS A 977 34.28 17.99 -17.19
CA LYS A 977 34.04 17.14 -18.39
C LYS A 977 32.53 16.97 -18.58
N GLU A 978 31.75 17.09 -17.50
CA GLU A 978 30.28 16.91 -17.58
C GLU A 978 29.73 17.84 -18.66
N ILE A 979 30.05 19.13 -18.60
CA ILE A 979 29.56 20.13 -19.60
C ILE A 979 29.91 19.64 -21.02
N LEU A 980 31.15 19.19 -21.23
CA LEU A 980 31.61 18.73 -22.58
C LEU A 980 30.66 17.66 -23.13
N SER A 981 30.25 16.70 -22.29
CA SER A 981 29.33 15.62 -22.72
C SER A 981 28.13 16.19 -23.48
N PHE A 982 27.42 17.14 -22.88
CA PHE A 982 26.21 17.73 -23.52
C PHE A 982 26.56 18.39 -24.85
N LEU A 983 27.47 19.37 -24.81
CA LEU A 983 27.85 20.18 -25.99
C LEU A 983 28.53 19.37 -27.10
N SER A 984 29.14 18.22 -26.79
CA SER A 984 29.81 17.35 -27.79
C SER A 984 28.93 17.19 -29.04
N ASP A 985 29.50 17.51 -30.20
CA ASP A 985 28.78 17.44 -31.49
C ASP A 985 28.47 15.98 -31.84
N LYS A 986 27.37 15.45 -31.29
CA LYS A 986 26.94 14.04 -31.55
C LYS A 986 25.43 14.02 -31.79
N PRO A 987 24.95 13.53 -32.96
CA PRO A 987 23.52 13.49 -33.25
C PRO A 987 22.79 12.42 -32.41
N SER A 988 21.55 12.72 -31.99
CA SER A 988 20.75 11.79 -31.16
C SER A 988 19.26 11.95 -31.51
N LYS A 989 18.74 11.07 -32.36
CA LYS A 989 17.32 11.12 -32.78
C LYS A 989 16.42 11.15 -31.54
N ARG A 990 16.65 10.23 -30.60
CA ARG A 990 15.85 10.15 -29.35
C ARG A 990 15.81 11.54 -28.69
N PRO A 991 14.62 12.11 -28.39
CA PRO A 991 14.53 13.43 -27.77
C PRO A 991 14.86 13.37 -26.27
N THR A 992 16.16 13.26 -25.95
CA THR A 992 16.61 13.18 -24.54
C THR A 992 17.98 13.86 -24.41
N ASN A 993 18.17 14.64 -23.33
CA ASN A 993 19.42 15.39 -23.00
C ASN A 993 19.59 16.62 -23.90
N ALA A 994 18.51 17.06 -24.56
CA ALA A 994 18.57 18.23 -25.46
C ALA A 994 18.54 19.52 -24.62
N TYR A 995 17.88 19.47 -23.47
CA TYR A 995 17.78 20.64 -22.56
C TYR A 995 19.14 20.92 -21.92
N TYR A 996 19.91 19.85 -21.68
CA TYR A 996 21.27 19.97 -21.06
C TYR A 996 22.17 20.80 -21.98
N ASN A 997 22.15 20.49 -23.28
CA ASN A 997 22.97 21.23 -24.27
C ASN A 997 22.56 22.70 -24.26
N GLU A 998 21.26 22.97 -24.23
CA GLU A 998 20.85 24.39 -24.25
C GLU A 998 21.45 25.07 -23.02
N GLY A 999 21.39 24.41 -21.86
CA GLY A 999 21.94 25.07 -20.67
C GLY A 999 23.41 25.35 -20.86
N ALA A 1000 24.12 24.38 -21.44
CA ALA A 1000 25.57 24.54 -21.65
C ALA A 1000 25.78 25.76 -22.55
N ALA A 1002 23.67 28.07 -23.07
CA ALA A 1002 23.27 29.20 -22.19
C ALA A 1002 24.46 29.49 -21.29
N PHE A 1003 25.16 28.44 -20.86
CA PHE A 1003 26.34 28.58 -19.96
C PHE A 1003 27.30 29.62 -20.54
N LEU A 1004 27.90 29.26 -21.67
CA LEU A 1004 28.91 30.06 -22.42
C LEU A 1004 28.37 31.48 -22.64
N ALA A 1005 27.31 31.58 -23.45
CA ALA A 1005 26.67 32.87 -23.81
C ALA A 1005 26.42 33.69 -22.53
N THR A 1006 25.82 33.04 -21.53
CA THR A 1006 25.52 33.68 -20.22
C THR A 1006 26.76 34.44 -19.75
N TYR A 1007 27.92 33.77 -19.67
CA TYR A 1007 29.16 34.46 -19.24
C TYR A 1007 29.91 35.03 -20.45
N GLY A 1008 29.30 34.95 -21.63
CA GLY A 1008 29.94 35.49 -22.84
C GLY A 1008 31.33 34.93 -23.06
N LEU A 1009 31.42 33.61 -23.22
CA LEU A 1009 32.73 32.92 -23.43
C LEU A 1009 32.64 32.07 -24.70
N LYS A 1010 33.61 31.18 -24.89
CA LYS A 1010 33.64 30.31 -26.10
C LYS A 1010 33.97 28.87 -25.69
N LYS A 1011 33.42 27.89 -26.41
CA LYS A 1011 33.69 26.46 -26.09
C LYS A 1011 35.21 26.25 -26.08
N ASN A 1012 35.88 26.69 -27.14
CA ASN A 1012 37.35 26.54 -27.26
C ASN A 1012 38.04 27.58 -26.36
N ASP A 1013 37.35 28.67 -26.01
CA ASP A 1013 37.99 29.65 -25.08
C ASP A 1013 38.36 28.86 -23.84
N VAL A 1014 37.70 27.73 -23.61
CA VAL A 1014 38.23 26.92 -22.48
C VAL A 1014 38.22 25.45 -22.91
N LEU A 1015 39.40 24.85 -23.05
CA LEU A 1015 39.46 23.40 -23.36
C LEU A 1015 40.80 22.83 -22.86
N GLY A 1016 40.77 21.65 -22.25
CA GLY A 1016 41.99 21.00 -21.73
C GLY A 1016 42.79 21.95 -20.84
N VAL A 1017 42.09 22.77 -20.06
CA VAL A 1017 42.76 23.74 -19.13
C VAL A 1017 42.66 23.21 -17.70
N SER A 1018 42.59 21.88 -17.55
CA SER A 1018 42.49 21.22 -16.22
C SER A 1018 41.40 21.88 -15.36
N LEU A 1019 41.72 22.22 -14.12
CA LEU A 1019 40.75 22.87 -13.19
C LEU A 1019 41.42 24.06 -12.50
N GLU A 1020 42.75 24.10 -12.52
CA GLU A 1020 43.52 25.21 -11.88
C GLU A 1020 43.32 26.50 -12.70
N LYS A 1021 43.42 26.39 -14.03
CA LYS A 1021 43.24 27.57 -14.92
C LYS A 1021 41.77 27.68 -15.34
N PHE A 1022 40.96 26.67 -14.98
CA PHE A 1022 39.52 26.66 -15.32
C PHE A 1022 38.75 27.52 -14.31
N LYS A 1023 39.08 27.37 -13.02
CA LYS A 1023 38.40 28.15 -11.94
C LYS A 1023 38.95 29.58 -11.92
N GLN A 1024 40.17 29.77 -12.45
CA GLN A 1024 40.80 31.13 -12.48
C GLN A 1024 40.05 32.02 -13.47
N ILE A 1025 39.55 31.44 -14.57
CA ILE A 1025 38.80 32.21 -15.60
C ILE A 1025 37.45 32.70 -15.06
N ALA A 1027 36.37 33.42 -12.10
CA ALA A 1027 36.45 34.47 -11.08
C ALA A 1027 36.68 35.83 -11.74
N ASN A 1028 37.56 35.91 -12.72
CA ASN A 1028 37.77 37.22 -13.36
C ASN A 1028 36.39 37.60 -13.90
N ILE A 1029 35.73 36.63 -14.55
CA ILE A 1029 34.37 36.86 -15.13
C ILE A 1029 33.36 37.03 -13.98
N LEU A 1030 33.73 36.56 -12.79
CA LEU A 1030 32.84 36.68 -11.59
C LEU A 1030 33.15 37.99 -10.86
N HIS A 1031 34.42 38.38 -10.83
CA HIS A 1031 34.85 39.64 -10.16
C HIS A 1031 34.30 40.85 -10.93
N GLN A 1032 34.20 40.72 -12.26
CA GLN A 1032 33.69 41.82 -13.12
C GLN A 1032 32.22 42.08 -12.80
N ARG A 1033 31.47 41.02 -12.51
CA ARG A 1033 30.03 41.13 -12.18
C ARG A 1033 29.85 41.15 -10.66
N SER A 1034 30.97 41.15 -9.92
CA SER A 1034 30.94 41.18 -8.44
C SER A 1034 30.00 40.08 -7.92
N GLU A 1035 30.26 38.82 -8.29
CA GLU A 1035 29.41 37.68 -7.85
C GLU A 1035 30.31 36.60 -7.22
N ASP A 1036 29.72 35.46 -6.85
CA ASP A 1036 30.49 34.35 -6.23
C ASP A 1036 29.71 33.04 -6.40
N GLN A 1037 30.37 31.91 -6.12
CA GLN A 1037 29.80 30.53 -6.21
C GLN A 1037 28.91 30.39 -7.47
N LEU A 1038 29.53 30.44 -8.65
CA LEU A 1038 28.77 30.31 -9.93
C LEU A 1038 28.25 28.88 -10.06
N LEU A 1039 27.11 28.71 -10.73
CA LEU A 1039 26.49 27.37 -10.91
C LEU A 1039 26.37 27.06 -12.42
N PHE A 1040 26.10 25.79 -12.75
CA PHE A 1040 25.96 25.34 -14.16
C PHE A 1040 24.95 24.18 -14.21
N PRO A 1041 24.61 23.65 -15.41
CA PRO A 1041 23.66 22.54 -15.51
C PRO A 1041 24.31 21.21 -15.15
N SER A 1042 23.93 20.64 -14.00
CA SER A 1042 24.49 19.34 -13.53
C SER A 1042 23.42 18.25 -13.63
N ARG A 1043 23.80 17.03 -14.02
CA ARG A 1043 22.86 15.89 -14.15
C ARG A 1043 22.39 15.47 -12.75
N GLY A 1044 21.14 15.78 -12.42
CA GLY A 1044 20.57 15.43 -11.10
C GLY A 1044 21.11 16.33 -10.01
N GLY A 1045 21.03 17.65 -10.20
CA GLY A 1045 21.52 18.62 -9.21
C GLY A 1045 20.45 19.01 -8.21
N PHE A 1047 19.84 22.46 -7.73
CA PHE A 1047 19.49 23.86 -8.12
C PHE A 1047 18.76 23.85 -9.46
N TYR A 1048 17.70 24.65 -9.58
CA TYR A 1048 16.91 24.74 -10.83
C TYR A 1048 16.54 26.20 -11.11
N LEU A 1049 16.33 26.54 -12.39
CA LEU A 1049 15.97 27.91 -12.80
C LEU A 1049 14.48 27.93 -13.12
N ALA A 1050 13.69 28.59 -12.27
CA ALA A 1050 12.22 28.51 -12.43
C ALA A 1050 11.69 29.86 -12.87
N THR A 1051 10.66 29.84 -13.70
CA THR A 1051 10.05 31.07 -14.23
C THR A 1051 9.46 31.87 -13.07
N TYR A 1052 8.97 31.16 -12.04
CA TYR A 1052 8.32 31.78 -10.86
C TYR A 1052 9.07 31.40 -9.58
N LYS A 1053 8.84 32.17 -8.51
CA LYS A 1053 9.58 31.93 -7.25
C LYS A 1053 8.90 30.81 -6.46
N LEU A 1054 9.35 29.58 -6.67
CA LEU A 1054 8.77 28.42 -5.95
C LEU A 1054 9.52 28.20 -4.64
N ASP A 1055 10.61 28.94 -4.43
CA ASP A 1055 11.41 28.83 -3.18
C ASP A 1055 11.47 30.21 -2.52
N ALA A 1056 11.05 30.28 -1.25
CA ALA A 1056 11.05 31.54 -0.49
C ALA A 1056 12.48 32.07 -0.37
N ASP A 1057 13.45 31.16 -0.26
CA ASP A 1057 14.89 31.55 -0.14
C ASP A 1057 15.52 31.60 -1.54
N ALA A 1058 14.72 31.31 -2.57
CA ALA A 1058 15.22 31.32 -3.98
C ALA A 1058 15.70 32.74 -4.33
N THR A 1059 16.88 32.82 -4.97
CA THR A 1059 17.46 34.14 -5.37
C THR A 1059 17.13 34.41 -6.85
N SER A 1060 16.87 35.68 -7.18
CA SER A 1060 16.54 36.07 -8.57
C SER A 1060 17.83 36.35 -9.36
N VAL A 1061 17.91 35.86 -10.61
CA VAL A 1061 19.12 36.05 -11.45
C VAL A 1061 18.71 35.88 -12.93
N ASN A 1062 19.41 36.58 -13.83
CA ASN A 1062 19.11 36.49 -15.29
C ASN A 1062 20.02 35.44 -15.93
N TRP A 1063 19.44 34.35 -16.44
CA TRP A 1063 20.22 33.27 -17.08
C TRP A 1063 20.18 33.44 -18.61
N ASN A 1064 21.31 33.86 -19.20
CA ASN A 1064 21.40 34.06 -20.67
C ASN A 1064 20.40 35.12 -21.12
N GLY A 1065 20.24 36.20 -20.34
CA GLY A 1065 19.31 37.26 -20.73
C GLY A 1065 17.87 36.90 -20.42
N LYS A 1066 17.66 35.80 -19.68
CA LYS A 1066 16.30 35.40 -19.29
C LYS A 1066 16.22 35.42 -17.76
N GLN A 1067 15.22 36.11 -17.19
CA GLN A 1067 15.11 36.13 -15.71
C GLN A 1067 14.55 34.81 -15.22
N PHE A 1068 15.17 34.22 -14.22
CA PHE A 1068 14.72 32.91 -13.67
C PHE A 1068 14.85 32.97 -12.16
N TRP A 1069 14.08 32.12 -11.45
CA TRP A 1069 14.11 32.07 -9.97
C TRP A 1069 14.90 30.85 -9.51
N VAL A 1070 16.08 31.08 -8.90
CA VAL A 1070 16.95 29.96 -8.41
C VAL A 1070 16.30 29.36 -7.16
N CYS A 1071 16.02 28.05 -7.20
CA CYS A 1071 15.38 27.35 -6.05
C CYS A 1071 15.74 25.86 -6.08
N ASN A 1072 15.60 25.18 -4.94
CA ASN A 1072 15.91 23.73 -4.84
C ASN A 1072 14.99 22.95 -5.78
N ALA A 1073 15.55 22.03 -6.57
CA ALA A 1073 14.77 21.22 -7.53
C ALA A 1073 13.67 20.44 -6.81
N ASP A 1074 13.99 19.85 -5.65
CA ASP A 1074 13.02 19.05 -4.86
C ASP A 1074 11.73 19.86 -4.66
N LEU A 1075 11.85 21.10 -4.20
CA LEU A 1075 10.67 21.97 -3.96
C LEU A 1075 9.88 22.14 -5.27
N VAL A 1076 10.57 22.37 -6.38
CA VAL A 1076 9.92 22.56 -7.70
C VAL A 1076 9.15 21.28 -8.07
N ALA A 1077 9.76 20.11 -7.82
CA ALA A 1077 9.13 18.81 -8.13
C ALA A 1077 7.73 18.74 -7.51
N ALA A 1078 7.61 19.10 -6.23
CA ALA A 1078 6.32 19.06 -5.50
C ALA A 1078 5.24 19.79 -6.32
N TYR A 1079 5.53 21.01 -6.75
CA TYR A 1079 4.56 21.81 -7.55
C TYR A 1079 4.19 21.07 -8.83
N ASN A 1080 5.20 20.56 -9.56
CA ASN A 1080 4.97 19.82 -10.82
C ASN A 1080 3.93 18.72 -10.59
N VAL A 1081 4.13 17.90 -9.56
CA VAL A 1081 3.19 16.80 -9.23
C VAL A 1081 1.77 17.34 -9.08
N GLY A 1082 1.62 18.49 -8.42
CA GLY A 1082 0.30 19.09 -8.19
C GLY A 1082 -0.35 19.51 -9.49
N LEU A 1083 0.45 20.03 -10.41
CA LEU A 1083 -0.01 20.56 -11.72
C LEU A 1083 -0.62 19.47 -12.60
N VAL A 1084 -0.11 18.24 -12.49
CA VAL A 1084 -0.52 17.17 -13.44
C VAL A 1084 -2.03 17.01 -13.41
N ASP A 1085 -2.64 17.22 -14.57
CA ASP A 1085 -4.09 17.00 -14.82
C ASP A 1085 -4.92 17.67 -13.74
N ILE A 1086 -4.47 18.85 -13.30
CA ILE A 1086 -5.21 19.61 -12.27
C ILE A 1086 -6.57 20.00 -12.88
N GLN A 1087 -6.56 20.37 -14.17
CA GLN A 1087 -7.77 20.84 -14.89
C GLN A 1087 -8.89 19.78 -14.88
N LYS A 1088 -8.55 18.50 -14.94
CA LYS A 1088 -9.59 17.43 -15.00
C LYS A 1088 -10.48 17.49 -13.76
N ASP A 1089 -9.94 17.98 -12.65
CA ASP A 1089 -10.71 18.04 -11.38
C ASP A 1089 -11.27 19.45 -11.18
N PHE A 1090 -11.62 20.16 -12.25
CA PHE A 1090 -12.18 21.52 -12.03
C PHE A 1090 -13.25 21.88 -13.06
N LYS A 1091 -14.51 21.53 -12.76
CA LYS A 1091 -15.67 21.85 -13.63
C LYS A 1091 -16.98 21.57 -12.88
#